data_8VIK
#
_entry.id   8VIK
#
_cell.length_a   62.197
_cell.length_b   94.511
_cell.length_c   83.747
_cell.angle_alpha   90.000
_cell.angle_beta   100.160
_cell.angle_gamma   90.000
#
_symmetry.space_group_name_H-M   'P 1 21 1'
#
loop_
_entity.id
_entity.type
_entity.pdbx_description
1 polymer 'Sulfoxide synthase EgtB-IV'
2 non-polymer 'SODIUM ION'
3 non-polymer 'FE (III) ION'
4 non-polymer 1,2-ETHANEDIOL
5 non-polymer 'CHLORIDE ION'
6 water water
#
_entity_poly.entity_id   1
_entity_poly.type   'polypeptide(L)'
_entity_poly.pdbx_seq_one_letter_code
;MGSSHHHHHHSSGLVPRGSHMSFIKSQLPIFLNNCTQDSVINYFQNSWELENILMRSIIDDETFYINPDPLRNPLIFYLG
HSAAFYINKLIRVELLEKGINSDYEILFEFGVDPENAEELNQAIAHINWPDVRQVWDYRNKAYEVILEVIKNTTFDLPIH
ASHPLWALMMGMEHQRIHFETSSMLLRQLPTEKVEKPQGWQYAPSQGVPNTNKMILVEGGTVTLGKAKDNPLYGWDCEYG
DRLVKVDSFFASQYLVTNGEFLEFINRKGYETQSYWNEKSWQWKEENKVKNPKFWQFNNGKYSYRAMFDEIPLPLDWPVE
VNYYEAMAYCGWKGKGTRLMSEAEWNLAAYGSNDNYQVDIEKVNDYNLNLKFGSPSPVGLVKTAQSHSGLWDLRGNVWEW
LDENFHPLPGFEPHFLYEDNSAPFFDNNHKMMLGGAWVTQGTETLKYYRNWFRPNFYQHAGFRIVTNH
;
_entity_poly.pdbx_strand_id   A,B
#
# COMPACT_ATOMS: atom_id res chain seq x y z
N HIS A 20 0.75 -34.48 21.39
CA HIS A 20 0.67 -33.04 21.23
C HIS A 20 -0.37 -32.49 22.20
N MET A 21 -0.35 -31.16 22.37
CA MET A 21 -1.20 -30.51 23.36
C MET A 21 -2.67 -30.84 23.13
N SER A 22 -3.32 -31.37 24.17
CA SER A 22 -4.69 -31.85 24.16
C SER A 22 -5.53 -31.26 25.28
N PHE A 23 -4.94 -31.04 26.45
CA PHE A 23 -5.71 -30.68 27.64
C PHE A 23 -6.30 -29.29 27.52
N ILE A 24 -5.64 -28.38 26.81
CA ILE A 24 -6.19 -27.07 26.49
C ILE A 24 -6.63 -27.11 25.03
N LYS A 25 -7.94 -27.07 24.81
CA LYS A 25 -8.54 -27.36 23.53
C LYS A 25 -9.27 -26.14 22.99
N SER A 26 -9.02 -25.81 21.73
CA SER A 26 -9.67 -24.68 21.07
C SER A 26 -10.62 -25.18 19.98
N GLN A 27 -11.88 -24.76 20.05
CA GLN A 27 -12.88 -25.21 19.09
C GLN A 27 -12.64 -24.59 17.71
N LEU A 28 -12.84 -25.41 16.68
CA LEU A 28 -12.65 -24.98 15.30
C LEU A 28 -13.70 -23.95 14.90
N PRO A 29 -13.42 -23.10 13.92
CA PRO A 29 -14.43 -22.13 13.49
C PRO A 29 -15.59 -22.83 12.79
N ILE A 30 -16.70 -22.09 12.66
CA ILE A 30 -17.96 -22.61 12.13
C ILE A 30 -18.36 -21.81 10.89
N PHE A 31 -18.83 -22.53 9.86
CA PHE A 31 -19.41 -21.86 8.71
C PHE A 31 -20.64 -21.05 9.11
N LEU A 32 -20.84 -19.92 8.44
CA LEU A 32 -22.00 -19.08 8.71
C LEU A 32 -23.31 -19.79 8.41
N ASN A 33 -23.29 -20.81 7.54
CA ASN A 33 -24.47 -21.63 7.27
C ASN A 33 -24.79 -22.61 8.40
N ASN A 34 -23.86 -22.82 9.35
CA ASN A 34 -24.06 -23.74 10.46
C ASN A 34 -23.99 -23.03 11.81
N CYS A 35 -24.11 -21.70 11.84
CA CYS A 35 -23.95 -20.96 13.09
C CYS A 35 -25.26 -20.98 13.88
N THR A 36 -25.62 -22.18 14.33
CA THR A 36 -26.76 -22.34 15.22
C THR A 36 -26.48 -21.69 16.57
N GLN A 37 -27.56 -21.43 17.32
CA GLN A 37 -27.42 -20.88 18.66
C GLN A 37 -26.54 -21.77 19.54
N ASP A 38 -26.77 -23.09 19.50
CA ASP A 38 -26.01 -23.98 20.37
C ASP A 38 -24.52 -24.02 19.99
N SER A 39 -24.23 -24.10 18.68
CA SER A 39 -22.83 -24.12 18.25
C SER A 39 -22.13 -22.80 18.57
N VAL A 40 -22.84 -21.68 18.42
CA VAL A 40 -22.23 -20.38 18.69
C VAL A 40 -22.00 -20.19 20.19
N ILE A 41 -22.93 -20.69 21.01
CA ILE A 41 -22.72 -20.68 22.47
C ILE A 41 -21.41 -21.37 22.82
N ASN A 42 -21.19 -22.55 22.23
CA ASN A 42 -19.97 -23.31 22.52
C ASN A 42 -18.73 -22.55 22.05
N TYR A 43 -18.78 -21.98 20.84
CA TYR A 43 -17.64 -21.25 20.31
C TYR A 43 -17.35 -19.99 21.14
N PHE A 44 -18.40 -19.26 21.50
CA PHE A 44 -18.25 -18.08 22.36
C PHE A 44 -17.66 -18.47 23.72
N GLN A 45 -18.22 -19.49 24.37
CA GLN A 45 -17.68 -19.94 25.66
C GLN A 45 -16.21 -20.32 25.54
N ASN A 46 -15.86 -21.02 24.46
CA ASN A 46 -14.47 -21.46 24.27
C ASN A 46 -13.54 -20.28 24.04
N SER A 47 -13.95 -19.32 23.19
CA SER A 47 -13.13 -18.13 22.96
C SER A 47 -12.81 -17.42 24.28
N TRP A 48 -13.81 -17.29 25.14
CA TRP A 48 -13.65 -16.54 26.38
C TRP A 48 -12.82 -17.32 27.41
N GLU A 49 -13.12 -18.61 27.59
CA GLU A 49 -12.39 -19.40 28.57
C GLU A 49 -10.90 -19.49 28.21
N LEU A 50 -10.59 -19.57 26.92
CA LEU A 50 -9.19 -19.57 26.51
C LEU A 50 -8.48 -18.28 26.94
N GLU A 51 -9.12 -17.13 26.72
CA GLU A 51 -8.48 -15.88 27.12
C GLU A 51 -8.33 -15.81 28.64
N ASN A 52 -9.33 -16.30 29.37
CA ASN A 52 -9.23 -16.37 30.83
C ASN A 52 -8.02 -17.18 31.27
N ILE A 53 -7.80 -18.34 30.64
CA ILE A 53 -6.68 -19.19 31.03
C ILE A 53 -5.37 -18.44 30.85
N LEU A 54 -5.24 -17.70 29.74
CA LEU A 54 -4.02 -16.95 29.49
C LEU A 54 -3.84 -15.83 30.51
N MET A 55 -4.87 -15.02 30.73
CA MET A 55 -4.75 -13.91 31.68
C MET A 55 -4.57 -14.39 33.11
N ARG A 56 -5.11 -15.56 33.45
CA ARG A 56 -4.91 -16.08 34.81
C ARG A 56 -3.51 -16.62 35.02
N SER A 57 -2.66 -16.66 33.98
CA SER A 57 -1.28 -17.10 34.16
C SER A 57 -0.40 -16.02 34.79
N ILE A 58 -0.87 -14.79 34.90
CA ILE A 58 -0.12 -13.76 35.61
C ILE A 58 -0.35 -13.94 37.11
N ILE A 59 0.74 -13.98 37.87
CA ILE A 59 0.66 -14.34 39.29
C ILE A 59 0.24 -13.15 40.15
N ASP A 60 0.92 -12.01 39.99
CA ASP A 60 0.66 -10.84 40.83
C ASP A 60 -0.11 -9.78 40.05
N ASP A 61 -1.13 -9.21 40.69
CA ASP A 61 -1.95 -8.19 40.02
C ASP A 61 -1.12 -6.99 39.61
N GLU A 62 -0.11 -6.63 40.40
CA GLU A 62 0.73 -5.49 40.06
C GLU A 62 1.36 -5.64 38.68
N THR A 63 1.57 -6.88 38.23
CA THR A 63 2.16 -7.12 36.92
C THR A 63 1.28 -6.61 35.78
N PHE A 64 -0.03 -6.48 36.00
CA PHE A 64 -0.92 -5.99 34.93
C PHE A 64 -0.62 -4.55 34.53
N TYR A 65 0.08 -3.78 35.37
CA TYR A 65 0.37 -2.40 35.03
C TYR A 65 1.71 -2.24 34.34
N ILE A 66 2.45 -3.32 34.14
CA ILE A 66 3.62 -3.31 33.28
C ILE A 66 3.16 -3.39 31.84
N ASN A 67 3.81 -2.64 30.95
CA ASN A 67 3.67 -2.92 29.52
C ASN A 67 4.94 -3.63 29.04
N PRO A 68 4.94 -4.96 29.01
CA PRO A 68 6.19 -5.69 28.72
C PRO A 68 6.73 -5.44 27.32
N ASP A 69 5.84 -5.26 26.34
CA ASP A 69 6.25 -4.77 25.03
C ASP A 69 6.26 -3.25 25.07
N PRO A 70 7.39 -2.59 24.83
CA PRO A 70 7.41 -1.12 24.90
C PRO A 70 6.59 -0.44 23.82
N LEU A 71 6.13 -1.16 22.80
CA LEU A 71 5.31 -0.59 21.75
C LEU A 71 3.83 -0.94 21.92
N ARG A 72 3.44 -1.52 23.05
CA ARG A 72 2.04 -1.86 23.30
C ARG A 72 1.62 -1.36 24.68
N ASN A 73 0.31 -1.35 24.90
CA ASN A 73 -0.28 -0.83 26.14
C ASN A 73 0.05 -1.73 27.33
N PRO A 74 -0.22 -1.26 28.55
CA PRO A 74 -0.10 -2.14 29.72
C PRO A 74 -1.07 -3.31 29.64
N LEU A 75 -0.73 -4.38 30.38
CA LEU A 75 -1.52 -5.60 30.34
C LEU A 75 -2.95 -5.38 30.80
N ILE A 76 -3.16 -4.46 31.75
CA ILE A 76 -4.51 -4.18 32.24
C ILE A 76 -5.42 -3.74 31.11
N PHE A 77 -4.88 -3.05 30.10
CA PHE A 77 -5.69 -2.64 28.95
C PHE A 77 -6.24 -3.85 28.22
N TYR A 78 -5.38 -4.83 27.94
CA TYR A 78 -5.80 -5.98 27.15
C TYR A 78 -6.68 -6.93 27.96
N LEU A 79 -6.58 -6.90 29.29
CA LEU A 79 -7.53 -7.62 30.11
C LEU A 79 -8.96 -7.14 29.86
N GLY A 80 -9.13 -5.84 29.66
CA GLY A 80 -10.47 -5.30 29.46
C GLY A 80 -10.86 -5.09 28.00
N HIS A 81 -9.89 -5.08 27.11
CA HIS A 81 -10.14 -4.64 25.73
C HIS A 81 -11.05 -5.62 24.98
N SER A 82 -10.83 -6.93 25.13
CA SER A 82 -11.66 -7.89 24.40
C SER A 82 -13.12 -7.81 24.83
N ALA A 83 -13.37 -7.71 26.14
CA ALA A 83 -14.74 -7.60 26.63
C ALA A 83 -15.43 -6.35 26.11
N ALA A 84 -14.76 -5.19 26.24
CA ALA A 84 -15.35 -3.94 25.81
C ALA A 84 -15.64 -3.93 24.30
N PHE A 85 -14.78 -4.58 23.51
CA PHE A 85 -14.99 -4.65 22.07
C PHE A 85 -16.32 -5.33 21.75
N TYR A 86 -16.61 -6.47 22.40
CA TYR A 86 -17.89 -7.14 22.23
C TYR A 86 -19.04 -6.17 22.48
N ILE A 87 -19.00 -5.49 23.63
CA ILE A 87 -20.09 -4.63 24.04
C ILE A 87 -20.30 -3.50 23.04
N ASN A 88 -19.20 -2.89 22.59
CA ASN A 88 -19.31 -1.74 21.71
C ASN A 88 -19.91 -2.12 20.36
N LYS A 89 -19.51 -3.27 19.82
CA LYS A 89 -20.04 -3.69 18.52
C LYS A 89 -21.49 -4.13 18.62
N LEU A 90 -21.85 -4.80 19.72
CA LEU A 90 -23.24 -5.21 19.92
C LEU A 90 -24.16 -4.00 20.09
N ILE A 91 -23.68 -2.98 20.79
CA ILE A 91 -24.43 -1.72 20.90
C ILE A 91 -24.61 -1.10 19.53
N ARG A 92 -23.55 -1.11 18.71
CA ARG A 92 -23.62 -0.46 17.40
C ARG A 92 -24.71 -1.07 16.52
N VAL A 93 -24.90 -2.39 16.57
CA VAL A 93 -25.96 -3.03 15.80
C VAL A 93 -27.28 -3.07 16.54
N GLU A 94 -27.35 -2.48 17.73
CA GLU A 94 -28.59 -2.40 18.51
C GLU A 94 -29.08 -3.79 18.95
N LEU A 95 -28.16 -4.74 19.06
CA LEU A 95 -28.46 -5.98 19.76
C LEU A 95 -28.37 -5.81 21.27
N LEU A 96 -27.73 -4.74 21.72
CA LEU A 96 -27.69 -4.33 23.12
C LEU A 96 -28.22 -2.90 23.23
N GLU A 97 -29.02 -2.64 24.27
CA GLU A 97 -29.58 -1.31 24.46
C GLU A 97 -28.72 -0.41 25.32
N LYS A 98 -27.81 -0.98 26.11
CA LYS A 98 -26.87 -0.21 26.92
C LYS A 98 -25.64 -1.06 27.17
N GLY A 99 -24.55 -0.41 27.55
CA GLY A 99 -23.32 -1.09 27.90
C GLY A 99 -23.33 -1.53 29.34
N ILE A 100 -22.13 -1.86 29.84
CA ILE A 100 -21.94 -2.20 31.24
C ILE A 100 -21.27 -1.08 32.01
N ASN A 101 -20.30 -0.41 31.40
CA ASN A 101 -19.57 0.68 32.05
C ASN A 101 -19.05 1.59 30.94
N SER A 102 -19.71 2.73 30.74
CA SER A 102 -19.39 3.58 29.59
C SER A 102 -17.97 4.12 29.65
N ASP A 103 -17.46 4.40 30.85
CA ASP A 103 -16.08 4.85 30.97
C ASP A 103 -15.11 3.77 30.51
N TYR A 104 -15.33 2.52 30.93
CA TYR A 104 -14.44 1.43 30.54
C TYR A 104 -14.54 1.17 29.04
N GLU A 105 -15.75 1.23 28.49
CA GLU A 105 -15.94 1.02 27.05
C GLU A 105 -15.23 2.09 26.23
N ILE A 106 -14.99 3.27 26.81
CA ILE A 106 -14.15 4.26 26.15
C ILE A 106 -12.67 3.94 26.38
N LEU A 107 -12.29 3.77 27.64
CA LEU A 107 -10.88 3.53 27.98
C LEU A 107 -10.31 2.33 27.24
N PHE A 108 -11.07 1.25 27.18
CA PHE A 108 -10.60 0.01 26.55
C PHE A 108 -11.03 -0.12 25.10
N GLU A 109 -11.39 1.00 24.43
CA GLU A 109 -12.01 0.91 23.12
C GLU A 109 -11.02 0.44 22.05
N PHE A 110 -9.92 1.16 21.86
CA PHE A 110 -8.99 0.82 20.79
C PHE A 110 -7.55 0.79 21.31
N GLY A 111 -6.73 -0.07 20.70
CA GLY A 111 -5.34 -0.22 21.05
C GLY A 111 -4.44 0.79 20.35
N VAL A 112 -3.17 0.42 20.20
CA VAL A 112 -2.13 1.34 19.75
C VAL A 112 -1.24 0.65 18.72
N ASP A 113 -0.59 1.45 17.88
CA ASP A 113 0.36 0.95 16.88
C ASP A 113 1.43 2.00 16.65
N PRO A 114 2.26 2.27 17.65
CA PRO A 114 3.25 3.35 17.52
C PRO A 114 4.50 2.88 16.78
N GLU A 115 5.22 3.87 16.24
CA GLU A 115 6.52 3.59 15.62
C GLU A 115 7.65 3.52 16.64
N ASN A 116 7.50 4.18 17.79
CA ASN A 116 8.54 4.24 18.80
C ASN A 116 7.90 4.19 20.18
N ALA A 117 8.69 3.76 21.17
CA ALA A 117 8.20 3.67 22.54
C ALA A 117 7.93 5.05 23.14
N GLU A 118 8.69 6.07 22.71
CA GLU A 118 8.47 7.42 23.21
C GLU A 118 7.10 7.94 22.81
N GLU A 119 6.69 7.71 21.56
CA GLU A 119 5.34 8.04 21.13
C GLU A 119 4.29 7.41 22.04
N LEU A 120 4.44 6.11 22.31
CA LEU A 120 3.49 5.40 23.16
C LEU A 120 3.50 5.95 24.59
N ASN A 121 4.70 6.16 25.13
CA ASN A 121 4.79 6.62 26.52
C ASN A 121 4.08 7.95 26.72
N GLN A 122 4.21 8.86 25.76
CA GLN A 122 3.54 10.15 25.85
C GLN A 122 2.02 9.98 25.82
N ALA A 123 1.54 8.99 25.07
CA ALA A 123 0.11 8.79 24.94
C ALA A 123 -0.53 8.09 26.13
N ILE A 124 0.25 7.39 26.95
CA ILE A 124 -0.30 6.39 27.87
C ILE A 124 -0.12 6.79 29.34
N ASN A 128 -4.65 7.00 34.09
CA ASN A 128 -5.11 6.40 35.35
C ASN A 128 -5.92 5.15 35.04
N TRP A 129 -5.29 3.96 35.25
CA TRP A 129 -5.86 2.66 34.95
C TRP A 129 -6.67 2.13 36.14
N PRO A 130 -7.73 1.37 35.89
CA PRO A 130 -8.53 0.82 37.00
C PRO A 130 -7.83 -0.34 37.68
N ASP A 131 -8.40 -0.78 38.80
CA ASP A 131 -7.86 -1.92 39.52
C ASP A 131 -8.11 -3.22 38.75
N VAL A 132 -7.22 -4.20 38.96
CA VAL A 132 -7.34 -5.49 38.29
C VAL A 132 -8.67 -6.15 38.62
N ARG A 133 -9.06 -6.11 39.90
CA ARG A 133 -10.30 -6.76 40.31
C ARG A 133 -11.51 -6.11 39.64
N GLN A 134 -11.47 -4.79 39.44
CA GLN A 134 -12.57 -4.10 38.77
C GLN A 134 -12.66 -4.51 37.30
N VAL A 135 -11.52 -4.75 36.65
CA VAL A 135 -11.54 -5.14 35.26
C VAL A 135 -12.03 -6.59 35.13
N TRP A 136 -11.63 -7.46 36.05
CA TRP A 136 -12.17 -8.82 36.07
C TRP A 136 -13.68 -8.82 36.27
N ASP A 137 -14.19 -7.97 37.16
CA ASP A 137 -15.63 -7.90 37.37
C ASP A 137 -16.35 -7.41 36.12
N TYR A 138 -15.76 -6.43 35.43
CA TYR A 138 -16.32 -5.99 34.15
C TYR A 138 -16.37 -7.15 33.16
N ARG A 139 -15.29 -7.93 33.08
CA ARG A 139 -15.26 -9.07 32.18
C ARG A 139 -16.38 -10.05 32.49
N ASN A 140 -16.56 -10.37 33.78
CA ASN A 140 -17.57 -11.36 34.15
C ASN A 140 -18.98 -10.85 33.87
N LYS A 141 -19.26 -9.58 34.15
CA LYS A 141 -20.56 -9.03 33.80
C LYS A 141 -20.77 -9.04 32.29
N ALA A 142 -19.75 -8.61 31.54
CA ALA A 142 -19.86 -8.57 30.09
C ALA A 142 -20.13 -9.97 29.52
N TYR A 143 -19.47 -10.99 30.10
CA TYR A 143 -19.72 -12.36 29.64
C TYR A 143 -21.18 -12.74 29.81
N GLU A 144 -21.76 -12.47 30.98
CA GLU A 144 -23.14 -12.84 31.22
C GLU A 144 -24.09 -12.05 30.33
N VAL A 145 -23.75 -10.79 30.05
CA VAL A 145 -24.62 -9.96 29.22
C VAL A 145 -24.64 -10.46 27.78
N ILE A 146 -23.47 -10.84 27.25
CA ILE A 146 -23.42 -11.38 25.89
C ILE A 146 -24.09 -12.75 25.83
N LEU A 147 -23.88 -13.59 26.85
CA LEU A 147 -24.51 -14.91 26.86
C LEU A 147 -26.02 -14.80 26.79
N GLU A 148 -26.60 -13.81 27.47
CA GLU A 148 -28.04 -13.62 27.43
C GLU A 148 -28.50 -13.10 26.06
N VAL A 149 -27.66 -12.31 25.39
CA VAL A 149 -28.01 -11.87 24.03
C VAL A 149 -28.05 -13.07 23.09
N ILE A 150 -27.09 -13.99 23.22
CA ILE A 150 -27.07 -15.18 22.38
C ILE A 150 -28.31 -16.03 22.62
N LYS A 151 -28.64 -16.26 23.89
CA LYS A 151 -29.77 -17.14 24.20
C LYS A 151 -31.12 -16.53 23.81
N ASN A 152 -31.21 -15.21 23.65
CA ASN A 152 -32.46 -14.55 23.36
C ASN A 152 -32.55 -14.01 21.93
N THR A 153 -31.61 -14.35 21.06
CA THR A 153 -31.63 -13.90 19.68
C THR A 153 -31.86 -15.08 18.75
N THR A 154 -32.75 -14.91 17.78
CA THR A 154 -32.96 -15.95 16.79
C THR A 154 -31.76 -16.02 15.85
N PHE A 155 -31.19 -17.22 15.73
CA PHE A 155 -30.08 -17.44 14.81
C PHE A 155 -30.66 -18.01 13.51
N ASP A 156 -31.18 -17.10 12.68
CA ASP A 156 -31.80 -17.51 11.42
C ASP A 156 -30.71 -17.75 10.40
N LEU A 157 -30.51 -19.01 10.03
CA LEU A 157 -29.42 -19.36 9.14
C LEU A 157 -29.75 -18.99 7.69
N PRO A 158 -28.77 -18.51 6.93
CA PRO A 158 -27.37 -18.28 7.30
C PRO A 158 -27.10 -16.88 7.83
N ILE A 159 -26.11 -16.75 8.70
CA ILE A 159 -25.63 -15.43 9.11
C ILE A 159 -24.80 -14.84 7.98
N HIS A 160 -24.76 -13.51 7.90
CA HIS A 160 -24.04 -12.84 6.82
C HIS A 160 -23.65 -11.44 7.25
N ALA A 161 -22.91 -10.75 6.39
CA ALA A 161 -22.29 -9.47 6.74
C ALA A 161 -23.30 -8.38 7.02
N SER A 162 -24.53 -8.50 6.50
CA SER A 162 -25.57 -7.52 6.76
C SER A 162 -26.53 -7.96 7.86
N HIS A 163 -26.26 -9.09 8.50
CA HIS A 163 -27.03 -9.60 9.62
C HIS A 163 -26.50 -9.00 10.93
N PRO A 164 -27.39 -8.59 11.84
CA PRO A 164 -26.93 -8.03 13.12
C PRO A 164 -25.92 -8.91 13.86
N LEU A 165 -26.03 -10.23 13.74
CA LEU A 165 -25.13 -11.12 14.49
C LEU A 165 -23.70 -11.09 13.98
N TRP A 166 -23.44 -10.45 12.82
CA TRP A 166 -22.06 -10.22 12.39
C TRP A 166 -21.24 -9.56 13.47
N ALA A 167 -21.88 -8.71 14.29
CA ALA A 167 -21.18 -8.04 15.38
C ALA A 167 -20.67 -9.05 16.40
N LEU A 168 -21.42 -10.13 16.63
CA LEU A 168 -20.96 -11.19 17.53
C LEU A 168 -19.81 -11.98 16.91
N MET A 169 -19.96 -12.37 15.64
CA MET A 169 -18.87 -13.04 14.94
C MET A 169 -17.59 -12.22 14.99
N MET A 170 -17.73 -10.90 14.79
CA MET A 170 -16.59 -9.99 14.87
C MET A 170 -15.94 -10.04 16.24
N GLY A 171 -16.75 -9.99 17.30
CA GLY A 171 -16.22 -9.95 18.65
C GLY A 171 -15.46 -11.20 19.04
N MET A 172 -15.98 -12.38 18.65
CA MET A 172 -15.30 -13.64 18.94
C MET A 172 -13.95 -13.72 18.22
N GLU A 173 -13.89 -13.36 16.94
CA GLU A 173 -12.61 -13.40 16.25
C GLU A 173 -11.65 -12.35 16.81
N HIS A 174 -12.16 -11.20 17.24
CA HIS A 174 -11.30 -10.19 17.86
C HIS A 174 -10.72 -10.71 19.17
N GLN A 175 -11.53 -11.39 19.98
CA GLN A 175 -11.02 -12.01 21.21
C GLN A 175 -9.92 -13.02 20.91
N ARG A 176 -10.11 -13.82 19.87
CA ARG A 176 -9.14 -14.88 19.57
C ARG A 176 -7.84 -14.31 19.03
N ILE A 177 -7.90 -13.20 18.30
CA ILE A 177 -6.67 -12.54 17.86
C ILE A 177 -5.90 -12.00 19.06
N HIS A 178 -6.61 -11.45 20.05
CA HIS A 178 -5.92 -10.92 21.22
C HIS A 178 -5.40 -12.02 22.14
N PHE A 179 -5.95 -13.23 22.09
CA PHE A 179 -5.26 -14.34 22.73
C PHE A 179 -3.86 -14.46 22.16
N GLU A 180 -3.76 -14.41 20.84
CA GLU A 180 -2.45 -14.47 20.17
C GLU A 180 -1.57 -13.29 20.55
N THR A 181 -2.08 -12.06 20.42
CA THR A 181 -1.22 -10.90 20.66
C THR A 181 -0.90 -10.74 22.15
N SER A 182 -1.79 -11.17 23.04
CA SER A 182 -1.44 -11.09 24.47
C SER A 182 -0.42 -12.15 24.86
N SER A 183 -0.45 -13.33 24.22
CA SER A 183 0.56 -14.33 24.53
C SER A 183 1.97 -13.80 24.29
N MET A 184 2.13 -12.93 23.30
CA MET A 184 3.43 -12.31 23.05
C MET A 184 3.81 -11.33 24.16
N LEU A 185 2.82 -10.69 24.79
CA LEU A 185 3.13 -9.80 25.90
C LEU A 185 3.57 -10.60 27.12
N LEU A 186 2.85 -11.68 27.43
CA LEU A 186 3.21 -12.51 28.58
C LEU A 186 4.58 -13.16 28.38
N ARG A 187 4.93 -13.50 27.14
CA ARG A 187 6.24 -14.04 26.83
C ARG A 187 7.37 -13.05 27.15
N GLN A 188 7.07 -11.76 27.16
CA GLN A 188 8.07 -10.74 27.45
C GLN A 188 8.14 -10.40 28.93
N LEU A 189 7.31 -11.03 29.76
CA LEU A 189 7.45 -10.94 31.20
C LEU A 189 8.50 -11.93 31.68
N PRO A 190 9.21 -11.61 32.77
CA PRO A 190 10.09 -12.61 33.38
C PRO A 190 9.31 -13.86 33.75
N THR A 191 9.98 -15.02 33.67
CA THR A 191 9.31 -16.29 33.92
C THR A 191 8.75 -16.35 35.34
N GLU A 192 9.40 -15.68 36.29
CA GLU A 192 8.93 -15.69 37.67
C GLU A 192 7.60 -14.97 37.85
N LYS A 193 7.17 -14.18 36.86
CA LYS A 193 5.92 -13.45 36.96
C LYS A 193 4.72 -14.19 36.34
N VAL A 194 4.96 -15.31 35.67
CA VAL A 194 3.90 -16.06 35.00
C VAL A 194 3.90 -17.51 35.49
N GLU A 195 2.76 -18.17 35.34
CA GLU A 195 2.58 -19.55 35.77
C GLU A 195 1.96 -20.36 34.64
N LYS A 196 2.69 -21.37 34.16
CA LYS A 196 2.23 -22.20 33.06
C LYS A 196 0.90 -22.88 33.40
N PRO A 197 -0.15 -22.70 32.58
CA PRO A 197 -1.43 -23.38 32.85
C PRO A 197 -1.29 -24.88 32.74
N GLN A 198 -2.17 -25.59 33.46
CA GLN A 198 -2.20 -27.05 33.37
C GLN A 198 -2.48 -27.47 31.94
N GLY A 199 -1.68 -28.40 31.43
CA GLY A 199 -1.89 -28.93 30.10
C GLY A 199 -1.18 -28.18 28.99
N TRP A 200 -0.52 -27.06 29.28
CA TRP A 200 0.32 -26.43 28.26
C TRP A 200 1.49 -27.35 27.93
N GLN A 201 1.67 -27.63 26.64
CA GLN A 201 2.69 -28.56 26.21
C GLN A 201 3.44 -27.97 25.02
N TYR A 202 4.74 -27.81 25.19
CA TYR A 202 5.60 -27.41 24.08
C TYR A 202 5.83 -28.61 23.16
N ALA A 203 6.15 -28.30 21.90
CA ALA A 203 6.58 -29.33 20.98
C ALA A 203 7.92 -29.90 21.44
N PRO A 204 8.26 -31.12 21.00
CA PRO A 204 9.61 -31.64 21.27
C PRO A 204 10.65 -30.94 20.40
N SER A 205 11.93 -31.31 20.60
CA SER A 205 12.99 -30.93 19.68
C SER A 205 13.78 -32.19 19.34
N GLN A 206 14.02 -32.40 18.06
CA GLN A 206 14.76 -33.56 17.58
C GLN A 206 16.25 -33.30 17.40
N GLY A 207 16.72 -32.11 17.80
CA GLY A 207 18.13 -31.77 17.62
C GLY A 207 18.35 -30.87 16.43
N VAL A 208 19.42 -31.14 15.67
CA VAL A 208 19.75 -30.30 14.52
C VAL A 208 18.76 -30.56 13.39
N PRO A 209 18.37 -29.56 12.61
CA PRO A 209 17.37 -29.76 11.58
C PRO A 209 17.94 -30.47 10.36
N ASN A 210 17.04 -30.97 9.52
CA ASN A 210 17.44 -31.51 8.23
C ASN A 210 17.86 -30.38 7.29
N THR A 211 18.53 -30.76 6.21
CA THR A 211 18.91 -29.79 5.19
C THR A 211 17.68 -29.07 4.65
N ASN A 212 17.78 -27.74 4.53
CA ASN A 212 16.69 -26.92 4.02
C ASN A 212 16.86 -26.70 2.52
N LYS A 213 16.28 -27.59 1.72
CA LYS A 213 16.44 -27.53 0.27
C LYS A 213 15.51 -26.48 -0.34
N MET A 214 15.97 -25.89 -1.44
CA MET A 214 15.15 -24.98 -2.24
C MET A 214 14.27 -25.77 -3.19
N ILE A 215 12.98 -25.48 -3.20
CA ILE A 215 12.01 -26.17 -4.07
C ILE A 215 11.52 -25.21 -5.13
N LEU A 216 11.44 -25.70 -6.37
CA LEU A 216 10.81 -24.93 -7.44
C LEU A 216 9.31 -24.95 -7.26
N VAL A 217 8.71 -23.76 -7.22
CA VAL A 217 7.26 -23.62 -7.22
C VAL A 217 6.84 -23.19 -8.61
N GLU A 218 6.10 -24.04 -9.30
CA GLU A 218 5.72 -23.75 -10.68
C GLU A 218 4.81 -22.53 -10.76
N GLY A 219 5.08 -21.65 -11.72
CA GLY A 219 4.25 -20.47 -11.89
C GLY A 219 2.82 -20.81 -12.22
N GLY A 220 1.94 -19.86 -11.91
CA GLY A 220 0.53 -20.02 -12.19
C GLY A 220 -0.20 -18.73 -11.90
N THR A 221 -1.51 -18.76 -12.09
CA THR A 221 -2.39 -17.63 -11.83
C THR A 221 -3.20 -17.90 -10.58
N VAL A 222 -3.22 -16.94 -9.66
CA VAL A 222 -3.99 -17.05 -8.43
C VAL A 222 -5.01 -15.93 -8.40
N THR A 223 -6.11 -16.18 -7.69
CA THR A 223 -7.09 -15.16 -7.39
C THR A 223 -7.01 -14.84 -5.90
N LEU A 224 -6.76 -13.58 -5.58
CA LEU A 224 -6.69 -13.13 -4.20
C LEU A 224 -8.03 -12.54 -3.80
N GLY A 225 -8.37 -12.70 -2.53
CA GLY A 225 -9.55 -12.08 -1.98
C GLY A 225 -10.65 -13.09 -1.72
N LYS A 226 -11.78 -12.56 -1.28
CA LYS A 226 -12.87 -13.36 -0.78
C LYS A 226 -14.17 -12.72 -1.25
N ALA A 227 -15.10 -13.54 -1.72
CA ALA A 227 -16.37 -13.03 -2.20
C ALA A 227 -17.23 -12.56 -1.04
N LYS A 228 -18.11 -11.59 -1.33
CA LYS A 228 -18.96 -11.02 -0.28
C LYS A 228 -19.88 -12.06 0.33
N ASP A 229 -20.31 -13.05 -0.46
CA ASP A 229 -21.23 -14.07 0.01
C ASP A 229 -20.52 -15.36 0.43
N ASN A 230 -19.22 -15.31 0.68
CA ASN A 230 -18.51 -16.47 1.19
C ASN A 230 -19.07 -16.84 2.57
N PRO A 231 -19.33 -18.12 2.85
CA PRO A 231 -19.99 -18.48 4.10
C PRO A 231 -19.06 -18.59 5.30
N LEU A 232 -18.13 -17.64 5.46
CA LEU A 232 -17.22 -17.59 6.60
C LEU A 232 -17.06 -16.14 7.02
N TYR A 233 -16.99 -15.91 8.34
CA TYR A 233 -16.71 -14.55 8.80
C TYR A 233 -15.36 -14.10 8.29
N GLY A 234 -15.24 -12.81 7.99
CA GLY A 234 -13.97 -12.24 7.60
C GLY A 234 -13.92 -10.76 7.90
N TRP A 235 -12.70 -10.25 8.05
CA TRP A 235 -12.49 -8.82 8.21
C TRP A 235 -12.52 -8.13 6.85
N ASP A 236 -12.68 -6.80 6.87
CA ASP A 236 -12.95 -6.08 5.63
C ASP A 236 -11.79 -6.21 4.63
N CYS A 237 -10.55 -6.19 5.12
CA CYS A 237 -9.40 -6.26 4.22
C CYS A 237 -9.29 -7.61 3.53
N GLU A 238 -10.06 -8.61 3.96
CA GLU A 238 -10.04 -9.91 3.32
C GLU A 238 -10.76 -9.92 1.98
N TYR A 239 -11.70 -9.01 1.78
CA TYR A 239 -12.62 -9.07 0.65
C TYR A 239 -12.10 -8.29 -0.55
N GLY A 240 -12.47 -8.78 -1.72
CA GLY A 240 -12.07 -8.20 -2.98
C GLY A 240 -11.72 -9.29 -3.97
N ASP A 241 -11.18 -8.89 -5.11
CA ASP A 241 -10.89 -9.83 -6.18
C ASP A 241 -9.71 -9.30 -6.97
N ARG A 242 -8.65 -10.10 -7.06
CA ARG A 242 -7.46 -9.71 -7.80
C ARG A 242 -6.82 -10.95 -8.41
N LEU A 243 -6.77 -11.00 -9.74
CA LEU A 243 -6.02 -12.03 -10.43
C LEU A 243 -4.56 -11.61 -10.54
N VAL A 244 -3.64 -12.52 -10.21
CA VAL A 244 -2.21 -12.23 -10.28
C VAL A 244 -1.50 -13.39 -10.96
N LYS A 245 -0.80 -13.10 -12.05
CA LYS A 245 0.05 -14.07 -12.72
C LYS A 245 1.38 -14.15 -11.99
N VAL A 246 1.70 -15.31 -11.43
CA VAL A 246 2.88 -15.52 -10.60
C VAL A 246 3.88 -16.37 -11.39
N ASP A 247 5.05 -15.82 -11.65
CA ASP A 247 6.12 -16.59 -12.27
C ASP A 247 6.67 -17.63 -11.30
N SER A 248 7.28 -18.67 -11.86
CA SER A 248 7.93 -19.71 -11.06
C SER A 248 9.03 -19.11 -10.20
N PHE A 249 9.25 -19.71 -9.02
CA PHE A 249 10.26 -19.22 -8.10
C PHE A 249 10.70 -20.36 -7.19
N PHE A 250 11.89 -20.19 -6.61
CA PHE A 250 12.45 -21.14 -5.67
C PHE A 250 12.18 -20.67 -4.24
N ALA A 251 11.74 -21.59 -3.38
CA ALA A 251 11.51 -21.31 -1.97
C ALA A 251 12.07 -22.45 -1.14
N SER A 252 12.64 -22.12 0.03
CA SER A 252 13.14 -23.16 0.92
C SER A 252 11.99 -23.99 1.46
N GLN A 253 12.18 -25.31 1.49
CA GLN A 253 11.11 -26.23 1.89
C GLN A 253 10.70 -26.02 3.34
N TYR A 254 11.63 -25.60 4.19
CA TYR A 254 11.35 -25.31 5.59
C TYR A 254 11.50 -23.82 5.86
N LEU A 255 10.75 -23.34 6.84
CA LEU A 255 11.05 -22.05 7.43
C LEU A 255 12.48 -22.09 7.98
N VAL A 256 13.17 -20.95 7.89
CA VAL A 256 14.53 -20.87 8.44
C VAL A 256 14.50 -21.21 9.92
N THR A 257 15.34 -22.14 10.32
CA THR A 257 15.37 -22.66 11.68
C THR A 257 16.30 -21.86 12.59
N ASN A 258 16.15 -22.07 13.89
CA ASN A 258 17.05 -21.48 14.87
C ASN A 258 18.50 -21.84 14.58
N GLY A 259 18.75 -23.10 14.22
CA GLY A 259 20.11 -23.51 13.90
C GLY A 259 20.66 -22.83 12.67
N GLU A 260 19.82 -22.61 11.66
CA GLU A 260 20.26 -21.86 10.49
C GLU A 260 20.57 -20.42 10.85
N PHE A 261 19.74 -19.80 11.70
CA PHE A 261 19.99 -18.42 12.07
C PHE A 261 21.21 -18.29 12.99
N LEU A 262 21.52 -19.34 13.77
CA LEU A 262 22.73 -19.34 14.58
C LEU A 262 23.97 -19.20 13.70
N GLU A 263 23.98 -19.86 12.55
CA GLU A 263 25.08 -19.71 11.60
C GLU A 263 25.21 -18.26 11.15
N PHE A 264 24.08 -17.62 10.84
CA PHE A 264 24.08 -16.20 10.50
C PHE A 264 24.74 -15.36 11.58
N ILE A 265 24.41 -15.63 12.85
CA ILE A 265 25.01 -14.91 13.95
C ILE A 265 26.51 -15.16 14.01
N ASN A 266 26.91 -16.43 13.91
CA ASN A 266 28.32 -16.78 14.01
C ASN A 266 29.16 -16.22 12.87
N ARG A 267 28.53 -15.92 11.72
CA ARG A 267 29.23 -15.23 10.63
C ARG A 267 29.09 -13.71 10.73
N LYS A 268 28.88 -13.19 11.94
CA LYS A 268 28.82 -11.75 12.22
C LYS A 268 27.68 -11.08 11.46
N GLY A 269 26.53 -11.75 11.40
CA GLY A 269 25.40 -11.21 10.65
C GLY A 269 24.87 -9.92 11.22
N TYR A 270 24.87 -9.78 12.55
CA TYR A 270 24.38 -8.56 13.18
C TYR A 270 25.41 -7.44 13.20
N GLU A 271 26.66 -7.69 12.75
CA GLU A 271 27.73 -6.71 12.81
C GLU A 271 28.18 -6.25 11.44
N THR A 272 27.49 -6.62 10.37
CA THR A 272 27.91 -6.28 9.01
C THR A 272 26.82 -5.43 8.35
N GLN A 273 27.13 -4.14 8.16
CA GLN A 273 26.17 -3.20 7.61
C GLN A 273 25.67 -3.59 6.24
N SER A 274 26.51 -4.25 5.43
CA SER A 274 26.12 -4.57 4.06
C SER A 274 24.93 -5.52 4.00
N TYR A 275 24.65 -6.25 5.09
CA TYR A 275 23.48 -7.13 5.14
C TYR A 275 22.20 -6.38 5.48
N TRP A 276 22.33 -5.20 6.08
CA TRP A 276 21.22 -4.40 6.55
C TRP A 276 21.05 -3.18 5.65
N ASN A 277 20.08 -2.33 6.01
CA ASN A 277 19.97 -1.00 5.43
C ASN A 277 19.91 0.02 6.55
N GLU A 278 19.94 1.30 6.18
CA GLU A 278 20.07 2.36 7.16
C GLU A 278 18.95 2.32 8.21
N LYS A 279 17.72 2.07 7.78
CA LYS A 279 16.61 2.05 8.71
C LYS A 279 16.66 0.83 9.62
N SER A 280 16.97 -0.35 9.07
CA SER A 280 17.01 -1.54 9.91
C SER A 280 18.24 -1.55 10.81
N TRP A 281 19.39 -1.09 10.30
CA TRP A 281 20.58 -0.97 11.15
C TRP A 281 20.34 -0.01 12.31
N GLN A 282 19.67 1.11 12.03
CA GLN A 282 19.35 2.06 13.09
C GLN A 282 18.49 1.40 14.16
N TRP A 283 17.50 0.60 13.76
CA TRP A 283 16.69 -0.14 14.71
C TRP A 283 17.57 -1.06 15.55
N LYS A 284 18.46 -1.82 14.91
CA LYS A 284 19.30 -2.78 15.62
C LYS A 284 20.18 -2.08 16.65
N GLU A 285 20.79 -0.97 16.25
CA GLU A 285 21.71 -0.25 17.13
C GLU A 285 20.97 0.37 18.30
N GLU A 286 19.88 1.09 18.03
CA GLU A 286 19.13 1.74 19.10
C GLU A 286 18.63 0.75 20.13
N ASN A 287 18.42 -0.51 19.73
CA ASN A 287 17.94 -1.54 20.63
C ASN A 287 19.02 -2.53 21.06
N LYS A 288 20.28 -2.28 20.69
CA LYS A 288 21.43 -3.09 21.09
C LYS A 288 21.20 -4.58 20.80
N VAL A 289 20.61 -4.87 19.64
CA VAL A 289 20.24 -6.22 19.30
C VAL A 289 21.48 -6.98 18.83
N LYS A 290 21.68 -8.18 19.40
CA LYS A 290 22.77 -9.06 19.00
C LYS A 290 22.29 -10.44 18.57
N ASN A 291 21.01 -10.75 18.76
CA ASN A 291 20.44 -12.05 18.46
C ASN A 291 18.92 -11.92 18.49
N PRO A 292 18.15 -12.93 18.04
CA PRO A 292 16.70 -12.83 18.11
C PRO A 292 16.19 -12.59 19.53
N LYS A 293 15.00 -11.98 19.61
CA LYS A 293 14.51 -11.40 20.86
C LYS A 293 14.44 -12.42 21.99
N PHE A 294 14.07 -13.66 21.69
CA PHE A 294 13.83 -14.66 22.73
C PHE A 294 14.98 -15.64 22.87
N TRP A 295 16.18 -15.26 22.42
CA TRP A 295 17.42 -15.96 22.72
C TRP A 295 18.14 -15.22 23.84
N GLN A 296 18.92 -15.95 24.63
CA GLN A 296 19.74 -15.37 25.68
C GLN A 296 21.03 -16.17 25.80
N PHE A 297 22.17 -15.51 25.66
CA PHE A 297 23.46 -16.17 25.73
C PHE A 297 23.94 -16.20 27.18
N ASN A 298 24.22 -17.39 27.69
CA ASN A 298 24.71 -17.58 29.05
C ASN A 298 25.57 -18.83 29.10
N ASN A 299 26.76 -18.69 29.68
CA ASN A 299 27.65 -19.82 29.94
C ASN A 299 27.96 -20.59 28.65
N GLY A 300 28.34 -19.85 27.62
CA GLY A 300 28.76 -20.43 26.37
C GLY A 300 27.66 -20.87 25.42
N LYS A 301 26.39 -20.79 25.83
CA LYS A 301 25.32 -21.34 25.01
C LYS A 301 24.09 -20.47 25.09
N TYR A 302 23.28 -20.52 24.03
CA TYR A 302 22.01 -19.79 23.97
C TYR A 302 20.91 -20.59 24.64
N SER A 303 20.15 -19.94 25.50
CA SER A 303 18.85 -20.46 25.92
C SER A 303 17.75 -19.76 25.13
N TYR A 304 16.55 -20.34 25.19
CA TYR A 304 15.42 -19.87 24.41
C TYR A 304 14.23 -19.71 25.33
N ARG A 305 13.50 -18.62 25.16
CA ARG A 305 12.35 -18.33 26.01
C ARG A 305 11.08 -18.75 25.29
N ALA A 306 10.50 -19.87 25.69
CA ALA A 306 9.16 -20.28 25.28
C ALA A 306 8.15 -19.44 26.04
N MET A 307 6.86 -19.78 25.97
CA MET A 307 5.84 -18.99 26.66
C MET A 307 6.16 -18.79 28.14
N PHE A 308 6.50 -19.86 28.84
CA PHE A 308 6.62 -19.80 30.29
C PHE A 308 7.97 -20.26 30.84
N ASP A 309 8.85 -20.82 30.01
CA ASP A 309 10.09 -21.37 30.52
C ASP A 309 11.24 -21.01 29.61
N GLU A 310 12.43 -20.94 30.17
CA GLU A 310 13.64 -20.86 29.39
C GLU A 310 14.21 -22.27 29.22
N ILE A 311 14.50 -22.64 27.97
CA ILE A 311 14.95 -23.99 27.65
C ILE A 311 16.14 -23.90 26.71
N PRO A 312 16.90 -25.00 26.56
CA PRO A 312 17.96 -25.01 25.56
C PRO A 312 17.40 -24.71 24.18
N LEU A 313 18.15 -23.93 23.39
CA LEU A 313 17.73 -23.48 22.07
C LEU A 313 17.31 -24.66 21.19
N PRO A 314 16.02 -24.75 20.84
CA PRO A 314 15.56 -25.81 19.93
C PRO A 314 16.01 -25.54 18.51
N LEU A 315 17.05 -26.24 18.07
CA LEU A 315 17.72 -25.91 16.82
C LEU A 315 16.84 -26.14 15.60
N ASP A 316 15.87 -27.05 15.67
CA ASP A 316 15.04 -27.39 14.52
C ASP A 316 13.71 -26.63 14.49
N TRP A 317 13.45 -25.76 15.47
CA TRP A 317 12.26 -24.92 15.41
C TRP A 317 12.49 -23.75 14.45
N PRO A 318 11.43 -23.22 13.84
CA PRO A 318 11.60 -22.01 13.02
C PRO A 318 12.07 -20.85 13.88
N VAL A 319 13.00 -20.07 13.33
CA VAL A 319 13.49 -18.90 14.05
C VAL A 319 12.40 -17.84 14.08
N GLU A 320 12.32 -17.09 15.17
CA GLU A 320 11.33 -16.04 15.34
C GLU A 320 12.04 -14.70 15.30
N VAL A 321 11.72 -13.88 14.31
CA VAL A 321 12.42 -12.63 14.02
C VAL A 321 11.40 -11.59 13.55
N ASN A 322 11.82 -10.33 13.52
CA ASN A 322 11.02 -9.32 12.86
C ASN A 322 11.43 -9.24 11.39
N TYR A 323 10.80 -8.31 10.66
CA TYR A 323 11.06 -8.20 9.23
C TYR A 323 12.48 -7.72 8.95
N TYR A 324 12.97 -6.77 9.74
CA TYR A 324 14.35 -6.31 9.60
C TYR A 324 15.33 -7.47 9.67
N GLU A 325 15.15 -8.37 10.66
CA GLU A 325 16.07 -9.48 10.84
C GLU A 325 15.96 -10.48 9.70
N ALA A 326 14.73 -10.77 9.24
CA ALA A 326 14.54 -11.68 8.12
C ALA A 326 15.28 -11.18 6.87
N MET A 327 15.21 -9.88 6.59
CA MET A 327 15.90 -9.32 5.42
C MET A 327 17.41 -9.32 5.61
N ALA A 328 17.88 -9.06 6.83
CA ALA A 328 19.32 -9.14 7.09
C ALA A 328 19.85 -10.54 6.82
N TYR A 329 19.08 -11.56 7.22
CA TYR A 329 19.44 -12.93 6.87
C TYR A 329 19.48 -13.11 5.35
N CYS A 330 18.43 -12.64 4.66
CA CYS A 330 18.44 -12.67 3.19
C CYS A 330 19.65 -11.94 2.62
N GLY A 331 20.04 -10.82 3.23
CA GLY A 331 21.24 -10.13 2.77
C GLY A 331 22.50 -10.96 2.90
N TRP A 332 22.63 -11.70 4.01
CA TRP A 332 23.78 -12.58 4.19
C TRP A 332 23.77 -13.71 3.16
N LYS A 333 22.60 -14.25 2.84
CA LYS A 333 22.52 -15.26 1.78
C LYS A 333 22.91 -14.67 0.43
N GLY A 334 22.63 -13.38 0.20
CA GLY A 334 22.98 -12.73 -1.05
C GLY A 334 22.21 -13.28 -2.24
N LYS A 335 22.84 -13.20 -3.42
CA LYS A 335 22.33 -13.81 -4.65
C LYS A 335 20.87 -13.44 -4.93
N GLY A 336 20.46 -12.25 -4.50
CA GLY A 336 19.09 -11.84 -4.69
C GLY A 336 18.08 -12.56 -3.81
N THR A 337 18.53 -13.14 -2.69
CA THR A 337 17.62 -13.81 -1.78
C THR A 337 16.60 -12.83 -1.23
N ARG A 338 15.33 -13.24 -1.19
CA ARG A 338 14.24 -12.34 -0.84
C ARG A 338 13.13 -13.13 -0.16
N LEU A 339 12.07 -12.42 0.20
CA LEU A 339 10.86 -12.99 0.78
C LEU A 339 9.77 -13.05 -0.27
N MET A 340 8.77 -13.92 -0.05
CA MET A 340 7.69 -14.01 -1.02
C MET A 340 6.77 -12.78 -0.97
N SER A 341 6.05 -12.59 -2.07
CA SER A 341 4.91 -11.70 -2.11
C SER A 341 3.66 -12.43 -1.63
N GLU A 342 2.58 -11.68 -1.42
CA GLU A 342 1.32 -12.30 -1.01
C GLU A 342 0.82 -13.29 -2.06
N ALA A 343 0.95 -12.93 -3.34
CA ALA A 343 0.49 -13.83 -4.39
C ALA A 343 1.36 -15.08 -4.47
N GLU A 344 2.67 -14.95 -4.22
CA GLU A 344 3.53 -16.13 -4.26
C GLU A 344 3.20 -17.10 -3.13
N TRP A 345 2.95 -16.58 -1.93
CA TRP A 345 2.56 -17.44 -0.82
C TRP A 345 1.26 -18.17 -1.11
N ASN A 346 0.26 -17.44 -1.64
CA ASN A 346 -1.02 -18.08 -1.96
C ASN A 346 -0.84 -19.18 -3.00
N LEU A 347 -0.04 -18.94 -4.03
CA LEU A 347 0.22 -19.97 -5.03
C LEU A 347 0.86 -21.19 -4.39
N ALA A 348 1.85 -20.98 -3.52
CA ALA A 348 2.53 -22.10 -2.88
C ALA A 348 1.60 -22.85 -1.94
N ALA A 349 0.74 -22.13 -1.23
CA ALA A 349 -0.08 -22.74 -0.18
C ALA A 349 -1.36 -23.38 -0.74
N TYR A 350 -2.00 -22.73 -1.72
CA TYR A 350 -3.30 -23.17 -2.19
C TYR A 350 -3.40 -23.40 -3.70
N GLY A 351 -2.35 -23.08 -4.47
CA GLY A 351 -2.37 -23.40 -5.88
C GLY A 351 -3.24 -22.45 -6.70
N SER A 352 -3.64 -22.95 -7.88
CA SER A 352 -4.38 -22.14 -8.84
C SER A 352 -5.89 -22.34 -8.79
N ASN A 353 -6.36 -23.42 -8.17
CA ASN A 353 -7.79 -23.71 -8.09
C ASN A 353 -8.57 -22.58 -7.41
N TYR A 356 -11.85 -22.47 -4.72
CA TYR A 356 -11.36 -23.39 -3.70
C TYR A 356 -12.34 -23.43 -2.54
N GLN A 357 -12.76 -24.64 -2.15
CA GLN A 357 -13.69 -24.81 -1.03
C GLN A 357 -12.89 -25.08 0.25
N VAL A 358 -13.00 -24.17 1.22
CA VAL A 358 -12.30 -24.34 2.48
C VAL A 358 -12.88 -25.53 3.24
N ASP A 359 -12.00 -26.40 3.74
CA ASP A 359 -12.38 -27.50 4.61
C ASP A 359 -11.78 -27.25 6.00
N ILE A 360 -12.63 -26.86 6.95
CA ILE A 360 -12.17 -26.41 8.25
C ILE A 360 -11.42 -27.51 9.00
N GLU A 361 -11.80 -28.78 8.82
CA GLU A 361 -11.11 -29.86 9.48
C GLU A 361 -9.63 -29.94 9.11
N LYS A 362 -9.24 -29.39 7.95
CA LYS A 362 -7.84 -29.40 7.56
C LYS A 362 -6.96 -28.55 8.48
N VAL A 363 -7.56 -27.73 9.35
CA VAL A 363 -6.78 -27.03 10.36
C VAL A 363 -6.03 -28.02 11.24
N ASN A 364 -6.62 -29.20 11.48
CA ASN A 364 -5.98 -30.25 12.28
C ASN A 364 -4.71 -30.81 11.65
N ASP A 365 -4.44 -30.50 10.38
CA ASP A 365 -3.28 -31.05 9.70
C ASP A 365 -2.02 -30.20 9.90
N TYR A 366 -2.12 -29.06 10.57
CA TYR A 366 -1.00 -28.12 10.69
C TYR A 366 -0.81 -27.75 12.15
N ASN A 367 0.35 -27.17 12.48
CA ASN A 367 0.55 -26.65 13.83
C ASN A 367 -0.20 -25.33 13.93
N LEU A 368 -1.52 -25.47 14.14
CA LEU A 368 -2.46 -24.37 14.27
C LEU A 368 -3.34 -24.70 15.46
N ASN A 369 -4.06 -23.70 15.96
CA ASN A 369 -5.19 -23.96 16.86
C ASN A 369 -4.78 -24.74 18.11
N LEU A 370 -3.60 -24.41 18.65
CA LEU A 370 -3.09 -25.01 19.90
C LEU A 370 -2.86 -26.52 19.77
N LYS A 371 -2.52 -27.01 18.58
CA LYS A 371 -2.00 -28.36 18.48
C LYS A 371 -0.79 -28.54 19.40
N PHE A 372 0.10 -27.55 19.39
CA PHE A 372 1.20 -27.42 20.33
C PHE A 372 1.09 -26.07 21.01
N GLY A 373 1.74 -25.94 22.17
CA GLY A 373 1.80 -24.66 22.85
C GLY A 373 3.08 -23.90 22.54
N SER A 374 3.63 -24.16 21.36
CA SER A 374 4.92 -23.62 20.94
C SER A 374 5.12 -23.90 19.46
N PRO A 375 6.13 -23.30 18.82
CA PRO A 375 6.52 -23.77 17.48
C PRO A 375 6.98 -25.21 17.55
N SER A 376 6.94 -25.88 16.40
CA SER A 376 7.33 -27.28 16.29
C SER A 376 8.52 -27.42 15.34
N PRO A 377 9.27 -28.51 15.46
CA PRO A 377 10.34 -28.76 14.48
C PRO A 377 9.78 -28.73 13.06
N VAL A 378 10.48 -28.05 12.17
CA VAL A 378 10.02 -27.98 10.78
C VAL A 378 9.90 -29.40 10.24
N GLY A 379 8.74 -29.72 9.69
CA GLY A 379 8.49 -31.04 9.14
C GLY A 379 8.03 -32.11 10.12
N LEU A 380 7.88 -31.80 11.41
CA LEU A 380 7.49 -32.83 12.36
C LEU A 380 6.03 -33.21 12.20
N VAL A 381 5.16 -32.23 12.00
CA VAL A 381 3.76 -32.50 11.67
C VAL A 381 3.72 -33.02 10.23
N LYS A 382 3.59 -34.34 10.09
CA LYS A 382 3.74 -34.97 8.78
C LYS A 382 2.61 -34.60 7.82
N THR A 383 1.47 -34.13 8.32
CA THR A 383 0.36 -33.71 7.48
C THR A 383 0.49 -32.27 7.01
N ALA A 384 1.60 -31.59 7.30
CA ALA A 384 1.72 -30.15 7.12
C ALA A 384 2.51 -29.75 5.88
N GLN A 385 2.70 -30.67 4.94
CA GLN A 385 3.35 -30.35 3.67
C GLN A 385 2.30 -29.96 2.64
N SER A 386 2.38 -28.74 2.12
CA SER A 386 1.49 -28.33 1.05
C SER A 386 1.80 -29.11 -0.23
N HIS A 387 0.84 -29.12 -1.15
CA HIS A 387 1.03 -29.83 -2.42
C HIS A 387 2.23 -29.27 -3.20
N SER A 388 2.60 -28.02 -2.97
CA SER A 388 3.79 -27.46 -3.60
C SER A 388 5.08 -28.11 -3.09
N GLY A 389 5.01 -28.89 -2.00
CA GLY A 389 6.19 -29.46 -1.39
C GLY A 389 6.76 -28.66 -0.23
N LEU A 390 6.25 -27.45 0.01
CA LEU A 390 6.75 -26.63 1.10
C LEU A 390 6.07 -27.01 2.41
N TRP A 391 6.83 -27.02 3.50
CA TRP A 391 6.34 -27.42 4.81
C TRP A 391 5.97 -26.20 5.65
N ASP A 392 4.88 -26.32 6.41
CA ASP A 392 4.43 -25.30 7.35
C ASP A 392 4.22 -23.94 6.70
N LEU A 393 3.76 -23.93 5.45
CA LEU A 393 3.21 -22.70 4.89
C LEU A 393 2.05 -22.22 5.75
N ARG A 394 1.18 -23.14 6.14
CA ARG A 394 0.15 -22.93 7.14
C ARG A 394 0.66 -23.43 8.47
N GLY A 395 0.51 -22.62 9.51
CA GLY A 395 0.87 -23.05 10.86
C GLY A 395 2.34 -22.90 11.20
N ASN A 396 2.67 -23.41 12.39
CA ASN A 396 3.96 -23.29 13.07
C ASN A 396 4.39 -21.91 13.54
N VAL A 397 4.54 -20.98 12.58
CA VAL A 397 4.73 -19.56 12.90
C VAL A 397 4.20 -18.82 11.68
N TRP A 398 3.66 -17.63 11.91
CA TRP A 398 3.38 -16.72 10.81
C TRP A 398 4.64 -16.57 9.97
N GLU A 399 4.51 -16.30 8.67
CA GLU A 399 5.72 -16.00 7.92
C GLU A 399 5.63 -14.64 7.25
N TRP A 400 6.71 -13.87 7.41
CA TRP A 400 6.81 -12.53 6.84
C TRP A 400 6.79 -12.58 5.32
N LEU A 401 6.23 -11.54 4.71
CA LEU A 401 6.18 -11.41 3.26
C LEU A 401 6.64 -10.01 2.88
N ASP A 402 7.39 -9.92 1.77
CA ASP A 402 7.74 -8.60 1.23
C ASP A 402 6.51 -8.09 0.46
N GLU A 403 5.56 -7.54 1.23
CA GLU A 403 4.30 -7.06 0.68
C GLU A 403 3.77 -6.00 1.64
N ASN A 404 3.76 -4.75 1.20
CA ASN A 404 3.11 -3.69 1.97
C ASN A 404 1.61 -3.96 2.05
N PHE A 405 1.07 -3.93 3.28
CA PHE A 405 -0.37 -4.11 3.47
C PHE A 405 -1.16 -3.13 2.60
N HIS A 406 -2.10 -3.66 1.82
CA HIS A 406 -2.79 -2.87 0.82
C HIS A 406 -4.16 -3.47 0.58
N PRO A 407 -5.11 -2.69 0.06
CA PRO A 407 -6.45 -3.24 -0.23
C PRO A 407 -6.49 -3.95 -1.56
N LEU A 408 -7.38 -4.93 -1.65
CA LEU A 408 -7.69 -5.63 -2.90
C LEU A 408 -8.82 -4.92 -3.62
N PRO A 409 -8.88 -5.00 -4.95
CA PRO A 409 -9.97 -4.35 -5.69
C PRO A 409 -11.33 -4.82 -5.19
N GLY A 410 -12.18 -3.86 -4.83
CA GLY A 410 -13.48 -4.17 -4.25
C GLY A 410 -13.55 -4.04 -2.74
N PHE A 411 -12.44 -3.71 -2.09
CA PHE A 411 -12.42 -3.45 -0.65
C PHE A 411 -13.47 -2.41 -0.26
N GLU A 412 -14.15 -2.67 0.86
CA GLU A 412 -15.10 -1.74 1.43
C GLU A 412 -15.08 -1.87 2.95
N PRO A 413 -14.83 -0.78 3.68
CA PRO A 413 -14.91 -0.84 5.14
C PRO A 413 -16.31 -1.22 5.59
N HIS A 414 -16.39 -2.01 6.66
CA HIS A 414 -17.65 -2.38 7.26
C HIS A 414 -18.11 -1.29 8.22
N PHE A 415 -19.41 -1.01 8.25
CA PHE A 415 -19.91 0.07 9.09
C PHE A 415 -19.63 -0.17 10.57
N LEU A 416 -19.50 -1.44 10.98
CA LEU A 416 -19.26 -1.74 12.38
C LEU A 416 -17.86 -1.35 12.83
N TYR A 417 -16.92 -1.19 11.90
CA TYR A 417 -15.51 -1.05 12.24
C TYR A 417 -14.84 -0.49 10.99
N GLU A 418 -14.99 0.82 10.76
CA GLU A 418 -14.56 1.42 9.51
C GLU A 418 -13.06 1.64 9.54
N ASP A 419 -12.46 1.72 10.73
CA ASP A 419 -11.03 1.96 10.91
C ASP A 419 -10.22 0.67 11.07
N ASN A 420 -10.80 -0.49 10.71
CA ASN A 420 -10.09 -1.75 10.95
C ASN A 420 -8.77 -1.81 10.20
N SER A 421 -8.79 -1.51 8.89
CA SER A 421 -7.59 -1.71 8.09
C SER A 421 -7.19 -0.46 7.31
N ALA A 422 -8.16 0.38 6.91
CA ALA A 422 -7.92 1.55 6.07
C ALA A 422 -6.79 2.47 6.55
N PRO A 423 -6.58 2.68 7.86
CA PRO A 423 -5.47 3.53 8.29
C PRO A 423 -4.09 2.91 8.09
N PHE A 424 -4.00 1.63 7.77
CA PHE A 424 -2.73 0.94 7.71
C PHE A 424 -2.30 0.64 6.28
N PHE A 425 -3.01 1.18 5.30
CA PHE A 425 -2.56 1.17 3.91
C PHE A 425 -1.59 2.33 3.68
N ASP A 426 -0.50 2.33 4.46
CA ASP A 426 0.38 3.49 4.53
C ASP A 426 1.80 3.20 4.09
N ASN A 427 2.06 2.04 3.49
CA ASN A 427 3.41 1.62 3.09
C ASN A 427 4.37 1.50 4.28
N ASN A 428 3.85 1.42 5.50
CA ASN A 428 4.69 1.28 6.69
C ASN A 428 4.46 -0.05 7.40
N HIS A 429 3.71 -0.97 6.80
CA HIS A 429 3.35 -2.24 7.40
C HIS A 429 3.61 -3.35 6.39
N LYS A 430 4.28 -4.41 6.83
CA LYS A 430 4.50 -5.59 6.00
C LYS A 430 3.51 -6.68 6.42
N MET A 431 3.20 -7.57 5.47
CA MET A 431 2.20 -8.59 5.73
C MET A 431 2.85 -9.89 6.22
N MET A 432 2.01 -10.75 6.81
CA MET A 432 2.41 -12.12 7.15
C MET A 432 1.16 -12.99 7.04
N LEU A 433 1.36 -14.26 6.68
CA LEU A 433 0.24 -15.15 6.38
C LEU A 433 0.50 -16.54 6.95
N GLY A 434 -0.58 -17.33 7.05
CA GLY A 434 -0.50 -18.75 7.32
C GLY A 434 -0.92 -19.17 8.71
N GLY A 435 -0.81 -18.29 9.69
CA GLY A 435 -1.13 -18.64 11.07
C GLY A 435 0.05 -19.28 11.79
N ALA A 436 0.01 -19.18 13.13
CA ALA A 436 1.01 -19.79 13.99
C ALA A 436 0.34 -20.86 14.86
N TRP A 437 1.16 -21.50 15.71
CA TRP A 437 0.66 -22.51 16.63
C TRP A 437 -0.44 -21.95 17.53
N VAL A 438 -0.38 -20.66 17.87
CA VAL A 438 -1.35 -20.03 18.75
C VAL A 438 -2.60 -19.52 18.03
N THR A 439 -2.62 -19.54 16.70
CA THR A 439 -3.70 -18.94 15.93
C THR A 439 -4.96 -19.78 15.97
N GLN A 440 -6.11 -19.12 16.16
CA GLN A 440 -7.41 -19.77 16.31
C GLN A 440 -8.44 -19.11 15.39
N GLY A 441 -9.61 -19.72 15.31
CA GLY A 441 -10.74 -19.09 14.60
C GLY A 441 -10.56 -19.02 13.10
N THR A 442 -11.29 -18.07 12.49
CA THR A 442 -11.21 -17.89 11.04
C THR A 442 -9.82 -17.43 10.62
N GLU A 443 -9.01 -16.93 11.57
CA GLU A 443 -7.65 -16.54 11.28
C GLU A 443 -6.75 -17.71 10.90
N THR A 444 -7.19 -18.95 11.14
CA THR A 444 -6.45 -20.11 10.68
C THR A 444 -6.73 -20.46 9.23
N LEU A 445 -7.68 -19.79 8.57
CA LEU A 445 -8.14 -20.21 7.26
C LEU A 445 -7.57 -19.31 6.15
N LYS A 446 -8.06 -19.56 4.94
CA LYS A 446 -7.42 -19.10 3.70
C LYS A 446 -7.40 -17.58 3.57
N TYR A 447 -8.45 -16.89 4.01
CA TYR A 447 -8.65 -15.50 3.61
C TYR A 447 -8.06 -14.46 4.54
N TYR A 448 -7.71 -14.82 5.78
CA TYR A 448 -7.22 -13.83 6.73
C TYR A 448 -5.92 -13.20 6.26
N ARG A 449 -5.87 -11.86 6.30
CA ARG A 449 -4.70 -11.11 5.87
C ARG A 449 -4.15 -10.35 7.07
N ASN A 450 -2.89 -10.62 7.42
CA ASN A 450 -2.26 -10.13 8.64
C ASN A 450 -1.14 -9.14 8.29
N TRP A 451 -0.87 -8.22 9.21
CA TRP A 451 0.09 -7.15 8.92
C TRP A 451 0.64 -6.56 10.21
N PHE A 452 1.90 -6.14 10.16
CA PHE A 452 2.58 -5.51 11.29
C PHE A 452 3.65 -4.55 10.79
N ARG A 453 4.01 -3.59 11.64
CA ARG A 453 5.20 -2.80 11.38
C ARG A 453 6.42 -3.72 11.36
N PRO A 454 7.40 -3.47 10.48
CA PRO A 454 8.46 -4.46 10.27
C PRO A 454 9.41 -4.65 11.47
N ASN A 455 9.40 -3.76 12.46
CA ASN A 455 10.25 -3.92 13.63
C ASN A 455 9.59 -4.75 14.72
N PHE A 456 8.30 -5.03 14.59
CA PHE A 456 7.51 -5.65 15.64
C PHE A 456 7.75 -7.16 15.69
N TYR A 457 7.64 -7.72 16.89
CA TYR A 457 7.80 -9.15 17.11
C TYR A 457 6.43 -9.83 17.21
N GLN A 458 6.26 -10.94 16.52
CA GLN A 458 5.12 -11.82 16.70
C GLN A 458 5.63 -13.26 16.73
N HIS A 459 4.73 -14.22 16.85
CA HIS A 459 5.11 -15.62 16.65
C HIS A 459 5.27 -15.84 15.16
N ALA A 460 6.37 -15.30 14.62
CA ALA A 460 6.53 -15.18 13.17
C ALA A 460 7.97 -15.44 12.79
N GLY A 461 8.14 -16.19 11.69
CA GLY A 461 9.42 -16.45 11.06
C GLY A 461 9.35 -16.13 9.59
N PHE A 462 10.10 -16.90 8.81
CA PHE A 462 10.20 -16.64 7.38
C PHE A 462 10.88 -17.82 6.71
N ARG A 463 10.69 -17.90 5.40
CA ARG A 463 11.45 -18.77 4.53
C ARG A 463 12.09 -17.88 3.46
N ILE A 464 13.06 -18.42 2.74
CA ILE A 464 13.80 -17.60 1.78
C ILE A 464 13.43 -18.03 0.36
N VAL A 465 13.57 -17.09 -0.56
CA VAL A 465 13.13 -17.25 -1.93
C VAL A 465 14.20 -16.69 -2.87
N THR A 466 14.39 -17.37 -4.00
CA THR A 466 15.19 -16.86 -5.10
C THR A 466 14.42 -17.03 -6.41
N ASN A 467 14.67 -16.12 -7.35
CA ASN A 467 14.04 -16.25 -8.66
C ASN A 467 14.67 -17.34 -9.50
N HIS A 468 15.97 -17.58 -9.34
CA HIS A 468 16.65 -18.62 -10.10
C HIS A 468 17.75 -19.31 -9.28
N PHE B 23 -0.03 30.88 -30.20
CA PHE B 23 -0.57 29.71 -29.51
C PHE B 23 -1.49 30.17 -28.38
N ILE B 24 -2.65 29.54 -28.30
CA ILE B 24 -3.66 29.92 -27.31
C ILE B 24 -3.10 29.78 -25.90
N LYS B 25 -3.50 30.69 -25.03
CA LYS B 25 -3.20 30.54 -23.62
C LYS B 25 -4.07 29.45 -23.04
N SER B 26 -3.51 28.68 -22.11
CA SER B 26 -4.28 27.68 -21.39
C SER B 26 -4.84 28.36 -20.14
N GLN B 27 -6.17 28.33 -20.02
CA GLN B 27 -6.82 28.99 -18.89
C GLN B 27 -6.66 28.16 -17.63
N LEU B 28 -6.42 28.85 -16.52
CA LEU B 28 -6.19 28.21 -15.24
C LEU B 28 -7.49 27.63 -14.69
N PRO B 29 -7.41 26.64 -13.80
CA PRO B 29 -8.63 26.10 -13.19
C PRO B 29 -9.33 27.14 -12.32
N ILE B 30 -10.59 26.86 -12.00
CA ILE B 30 -11.42 27.80 -11.26
C ILE B 30 -11.93 27.12 -9.99
N PHE B 31 -12.07 27.90 -8.93
CA PHE B 31 -12.66 27.40 -7.69
C PHE B 31 -14.13 27.10 -7.91
N LEU B 32 -14.61 26.01 -7.29
CA LEU B 32 -15.99 25.58 -7.50
C LEU B 32 -17.00 26.38 -6.68
N ASN B 33 -16.56 27.28 -5.81
CA ASN B 33 -17.47 28.20 -5.16
C ASN B 33 -17.50 29.57 -5.84
N ASN B 34 -16.76 29.73 -6.94
CA ASN B 34 -16.74 31.00 -7.68
C ASN B 34 -16.99 30.81 -9.18
N CYS B 35 -17.45 29.64 -9.61
CA CYS B 35 -17.58 29.37 -11.03
C CYS B 35 -18.90 29.94 -11.56
N THR B 36 -18.80 30.79 -12.57
CA THR B 36 -19.96 31.27 -13.31
C THR B 36 -20.16 30.38 -14.55
N GLN B 37 -21.39 30.41 -15.06
CA GLN B 37 -21.66 29.74 -16.34
C GLN B 37 -20.70 30.22 -17.41
N ASP B 38 -20.45 31.53 -17.47
CA ASP B 38 -19.53 32.08 -18.46
C ASP B 38 -18.13 31.53 -18.26
N SER B 39 -17.63 31.54 -17.02
CA SER B 39 -16.27 31.07 -16.77
C SER B 39 -16.14 29.58 -17.06
N VAL B 40 -17.19 28.80 -16.76
CA VAL B 40 -17.15 27.37 -17.03
C VAL B 40 -17.17 27.10 -18.53
N ILE B 41 -17.99 27.86 -19.29
CA ILE B 41 -18.00 27.73 -20.74
C ILE B 41 -16.63 28.07 -21.32
N ASN B 42 -16.00 29.13 -20.81
CA ASN B 42 -14.67 29.50 -21.32
C ASN B 42 -13.65 28.40 -21.03
N TYR B 43 -13.67 27.86 -19.81
CA TYR B 43 -12.77 26.76 -19.45
C TYR B 43 -13.06 25.52 -20.28
N PHE B 44 -14.34 25.18 -20.44
CA PHE B 44 -14.73 24.08 -21.31
C PHE B 44 -14.24 24.29 -22.73
N GLN B 45 -14.52 25.47 -23.30
CA GLN B 45 -14.07 25.79 -24.65
C GLN B 45 -12.56 25.67 -24.77
N ASN B 46 -11.84 26.21 -23.79
CA ASN B 46 -10.38 26.19 -23.82
C ASN B 46 -9.85 24.76 -23.79
N SER B 47 -10.43 23.91 -22.93
CA SER B 47 -9.99 22.52 -22.84
C SER B 47 -10.13 21.81 -24.17
N TRP B 48 -11.32 21.93 -24.77
CA TRP B 48 -11.59 21.29 -26.06
C TRP B 48 -10.71 21.85 -27.16
N GLU B 49 -10.58 23.18 -27.20
CA GLU B 49 -9.75 23.83 -28.22
C GLU B 49 -8.31 23.34 -28.16
N LEU B 50 -7.76 23.21 -26.94
CA LEU B 50 -6.37 22.76 -26.79
C LEU B 50 -6.20 21.33 -27.27
N GLU B 51 -7.13 20.44 -26.90
CA GLU B 51 -7.03 19.05 -27.39
C GLU B 51 -7.14 19.01 -28.91
N ASN B 52 -8.00 19.85 -29.49
CA ASN B 52 -8.12 19.88 -30.95
C ASN B 52 -6.80 20.27 -31.60
N ILE B 53 -6.12 21.27 -31.03
CA ILE B 53 -4.83 21.72 -31.56
C ILE B 53 -3.83 20.56 -31.57
N LEU B 54 -3.76 19.82 -30.46
CA LEU B 54 -2.85 18.69 -30.40
C LEU B 54 -3.19 17.64 -31.45
N MET B 55 -4.47 17.27 -31.52
CA MET B 55 -4.89 16.26 -32.49
C MET B 55 -4.71 16.74 -33.92
N ARG B 56 -4.85 18.04 -34.17
CA ARG B 56 -4.62 18.59 -35.50
C ARG B 56 -3.15 18.60 -35.89
N SER B 57 -2.25 18.28 -34.96
CA SER B 57 -0.84 18.18 -35.30
C SER B 57 -0.53 16.92 -36.10
N ILE B 58 -1.42 15.93 -36.09
CA ILE B 58 -1.23 14.72 -36.89
C ILE B 58 -1.52 15.03 -38.35
N ILE B 59 -0.52 14.86 -39.21
CA ILE B 59 -0.61 15.30 -40.60
C ILE B 59 -1.50 14.36 -41.42
N ASP B 60 -1.22 13.06 -41.39
CA ASP B 60 -1.90 12.10 -42.24
C ASP B 60 -2.92 11.30 -41.43
N ASP B 61 -4.08 11.04 -42.04
CA ASP B 61 -5.15 10.33 -41.34
C ASP B 61 -4.77 8.89 -41.04
N GLU B 62 -3.93 8.27 -41.87
CA GLU B 62 -3.49 6.90 -41.61
C GLU B 62 -2.76 6.80 -40.28
N THR B 63 -2.09 7.89 -39.85
CA THR B 63 -1.36 7.87 -38.59
C THR B 63 -2.26 7.60 -37.40
N PHE B 64 -3.55 7.94 -37.51
CA PHE B 64 -4.47 7.76 -36.39
C PHE B 64 -4.65 6.30 -36.02
N TYR B 65 -4.33 5.38 -36.91
CA TYR B 65 -4.48 3.95 -36.66
C TYR B 65 -3.17 3.29 -36.25
N ILE B 66 -2.08 4.04 -36.20
CA ILE B 66 -0.87 3.61 -35.52
C ILE B 66 -1.06 3.77 -34.02
N ASN B 67 -0.49 2.86 -33.24
CA ASN B 67 -0.40 3.04 -31.79
C ASN B 67 1.05 3.29 -31.42
N PRO B 68 1.46 4.57 -31.30
CA PRO B 68 2.89 4.86 -31.09
C PRO B 68 3.47 4.23 -29.84
N ARG B 72 -0.45 1.04 -25.46
CA ARG B 72 -1.63 1.90 -25.45
C ARG B 72 -2.44 1.73 -26.74
N ASN B 73 -3.67 2.26 -26.73
CA ASN B 73 -4.58 2.11 -27.85
C ASN B 73 -4.12 2.94 -29.04
N PRO B 74 -4.68 2.70 -30.22
CA PRO B 74 -4.37 3.56 -31.37
C PRO B 74 -4.90 4.98 -31.17
N LEU B 75 -4.31 5.92 -31.92
CA LEU B 75 -4.63 7.33 -31.73
C LEU B 75 -6.10 7.64 -32.01
N ILE B 76 -6.73 6.90 -32.93
CA ILE B 76 -8.14 7.14 -33.23
C ILE B 76 -8.99 7.00 -31.98
N PHE B 77 -8.58 6.10 -31.07
CA PHE B 77 -9.29 5.95 -29.80
C PHE B 77 -9.27 7.24 -29.00
N TYR B 78 -8.10 7.86 -28.89
CA TYR B 78 -7.97 9.06 -28.07
C TYR B 78 -8.63 10.28 -28.70
N LEU B 79 -8.74 10.30 -30.04
CA LEU B 79 -9.51 11.36 -30.69
C LEU B 79 -10.96 11.37 -30.21
N GLY B 80 -11.52 10.21 -29.91
CA GLY B 80 -12.91 10.15 -29.49
C GLY B 80 -13.11 9.92 -28.00
N HIS B 81 -12.05 9.49 -27.31
CA HIS B 81 -12.20 9.07 -25.91
C HIS B 81 -12.69 10.20 -25.02
N SER B 82 -12.10 11.38 -25.15
CA SER B 82 -12.46 12.50 -24.27
C SER B 82 -13.92 12.90 -24.47
N ALA B 83 -14.38 12.98 -25.71
CA ALA B 83 -15.77 13.33 -25.98
C ALA B 83 -16.71 12.26 -25.42
N ALA B 84 -16.42 10.99 -25.73
CA ALA B 84 -17.25 9.91 -25.21
C ALA B 84 -17.29 9.90 -23.69
N PHE B 85 -16.16 10.22 -23.05
CA PHE B 85 -16.12 10.29 -21.59
C PHE B 85 -17.13 11.29 -21.06
N TYR B 86 -17.11 12.53 -21.59
CA TYR B 86 -18.10 13.53 -21.23
C TYR B 86 -19.51 12.96 -21.29
N ILE B 87 -19.87 12.41 -22.46
CA ILE B 87 -21.24 11.97 -22.71
C ILE B 87 -21.65 10.90 -21.71
N ASN B 88 -20.78 9.90 -21.50
CA ASN B 88 -21.11 8.79 -20.60
C ASN B 88 -21.34 9.28 -19.18
N LYS B 89 -20.49 10.17 -18.68
CA LYS B 89 -20.67 10.68 -17.33
C LYS B 89 -21.92 11.55 -17.21
N LEU B 90 -22.23 12.31 -18.27
CA LEU B 90 -23.40 13.18 -18.23
C LEU B 90 -24.70 12.38 -18.29
N ILE B 91 -24.69 11.24 -18.99
CA ILE B 91 -25.85 10.36 -18.97
C ILE B 91 -26.05 9.78 -17.57
N ARG B 92 -24.96 9.36 -16.92
CA ARG B 92 -25.06 8.73 -15.61
C ARG B 92 -25.65 9.66 -14.56
N VAL B 93 -25.38 10.96 -14.65
CA VAL B 93 -25.95 11.93 -13.72
C VAL B 93 -27.25 12.52 -14.27
N GLU B 94 -27.80 11.93 -15.33
CA GLU B 94 -29.10 12.28 -15.90
C GLU B 94 -29.18 13.74 -16.34
N LEU B 95 -28.02 14.35 -16.61
CA LEU B 95 -27.98 15.64 -17.28
C LEU B 95 -28.26 15.50 -18.77
N LEU B 96 -28.11 14.28 -19.30
CA LEU B 96 -28.39 13.95 -20.69
C LEU B 96 -29.34 12.76 -20.68
N GLU B 97 -30.35 12.81 -21.55
CA GLU B 97 -31.27 11.68 -21.65
C GLU B 97 -30.67 10.54 -22.48
N LYS B 98 -30.07 10.87 -23.62
CA LYS B 98 -29.49 9.89 -24.52
C LYS B 98 -28.13 10.38 -24.98
N GLY B 99 -27.41 9.50 -25.67
CA GLY B 99 -26.12 9.84 -26.24
C GLY B 99 -26.23 10.26 -27.70
N ILE B 100 -25.08 10.32 -28.35
CA ILE B 100 -25.01 10.63 -29.77
C ILE B 100 -24.90 9.36 -30.61
N ASN B 101 -24.00 8.45 -30.22
CA ASN B 101 -23.78 7.20 -30.93
C ASN B 101 -23.47 6.14 -29.87
N SER B 102 -24.46 5.27 -29.60
CA SER B 102 -24.31 4.27 -28.55
C SER B 102 -23.10 3.38 -28.81
N ASP B 103 -22.92 2.96 -30.07
CA ASP B 103 -21.74 2.18 -30.41
C ASP B 103 -20.46 2.93 -30.08
N TYR B 104 -20.40 4.21 -30.45
CA TYR B 104 -19.19 5.00 -30.23
C TYR B 104 -18.92 5.17 -28.74
N GLU B 105 -19.96 5.42 -27.95
CA GLU B 105 -19.78 5.61 -26.52
C GLU B 105 -19.22 4.35 -25.86
N ILE B 106 -19.47 3.18 -26.42
CA ILE B 106 -18.94 1.95 -25.86
C ILE B 106 -17.50 1.73 -26.32
N LEU B 107 -17.24 1.89 -27.62
CA LEU B 107 -15.90 1.64 -28.15
C LEU B 107 -14.87 2.59 -27.56
N PHE B 108 -15.25 3.84 -27.30
CA PHE B 108 -14.34 4.86 -26.79
C PHE B 108 -14.40 5.00 -25.28
N GLU B 109 -14.88 3.98 -24.56
CA GLU B 109 -15.16 4.13 -23.13
C GLU B 109 -13.93 3.89 -22.27
N PHE B 110 -13.19 2.82 -22.52
CA PHE B 110 -12.08 2.45 -21.64
C PHE B 110 -10.76 2.37 -22.40
N ASN B 128 -12.58 -2.91 -34.88
CA ASN B 128 -12.95 -2.18 -36.10
C ASN B 128 -13.18 -0.73 -35.73
N TRP B 129 -12.22 0.15 -36.13
CA TRP B 129 -12.31 1.56 -35.72
C TRP B 129 -13.02 2.40 -36.78
N PRO B 130 -13.72 3.45 -36.35
CA PRO B 130 -14.39 4.33 -37.31
C PRO B 130 -13.39 5.19 -38.07
N ASP B 131 -13.89 5.85 -39.11
CA ASP B 131 -13.07 6.76 -39.90
C ASP B 131 -12.78 8.04 -39.13
N VAL B 132 -11.68 8.70 -39.48
CA VAL B 132 -11.28 9.94 -38.81
C VAL B 132 -12.40 10.97 -38.88
N ARG B 133 -12.92 11.20 -40.09
CA ARG B 133 -14.00 12.17 -40.27
C ARG B 133 -15.21 11.82 -39.43
N GLN B 134 -15.47 10.51 -39.23
CA GLN B 134 -16.61 10.10 -38.41
C GLN B 134 -16.39 10.42 -36.93
N VAL B 135 -15.14 10.29 -36.45
CA VAL B 135 -14.87 10.65 -35.07
C VAL B 135 -14.86 12.16 -34.88
N TRP B 136 -14.30 12.90 -35.84
CA TRP B 136 -14.38 14.37 -35.79
C TRP B 136 -15.84 14.82 -35.76
N ASP B 137 -16.70 14.18 -36.56
CA ASP B 137 -18.13 14.50 -36.53
C ASP B 137 -18.74 14.19 -35.17
N TYR B 138 -18.37 13.06 -34.57
CA TYR B 138 -18.84 12.73 -33.23
C TYR B 138 -18.35 13.77 -32.22
N ARG B 139 -17.07 14.14 -32.31
CA ARG B 139 -16.53 15.20 -31.45
C ARG B 139 -17.35 16.48 -31.58
N ASN B 140 -17.54 16.93 -32.83
CA ASN B 140 -18.28 18.17 -33.07
C ASN B 140 -19.69 18.10 -32.51
N LYS B 141 -20.38 16.97 -32.72
CA LYS B 141 -21.73 16.81 -32.20
C LYS B 141 -21.72 16.76 -30.68
N ALA B 142 -20.75 16.05 -30.09
CA ALA B 142 -20.63 16.02 -28.62
C ALA B 142 -20.38 17.41 -28.06
N TYR B 143 -19.49 18.17 -28.70
CA TYR B 143 -19.23 19.54 -28.25
C TYR B 143 -20.51 20.35 -28.18
N GLU B 144 -21.34 20.25 -29.21
CA GLU B 144 -22.56 21.04 -29.25
C GLU B 144 -23.57 20.55 -28.22
N VAL B 145 -23.62 19.24 -27.97
CA VAL B 145 -24.54 18.69 -26.98
C VAL B 145 -24.14 19.12 -25.57
N ILE B 146 -22.83 19.06 -25.26
CA ILE B 146 -22.38 19.46 -23.93
C ILE B 146 -22.58 20.96 -23.74
N LEU B 147 -22.25 21.76 -24.75
CA LEU B 147 -22.42 23.21 -24.66
C LEU B 147 -23.85 23.58 -24.30
N GLU B 148 -24.82 22.83 -24.84
CA GLU B 148 -26.22 23.12 -24.52
C GLU B 148 -26.54 22.76 -23.07
N VAL B 149 -26.01 21.62 -22.59
CA VAL B 149 -26.21 21.26 -21.18
C VAL B 149 -25.73 22.39 -20.27
N ILE B 150 -24.54 22.93 -20.55
CA ILE B 150 -24.00 23.99 -19.71
C ILE B 150 -24.93 25.21 -19.74
N LYS B 151 -25.31 25.65 -20.95
CA LYS B 151 -26.15 26.84 -21.07
C LYS B 151 -27.54 26.62 -20.49
N ASN B 152 -28.10 25.42 -20.66
CA ASN B 152 -29.43 25.10 -20.17
C ASN B 152 -29.42 24.54 -18.75
N THR B 153 -28.35 24.76 -17.99
CA THR B 153 -28.28 24.33 -16.60
C THR B 153 -27.82 25.50 -15.74
N THR B 154 -28.43 25.63 -14.57
CA THR B 154 -28.06 26.67 -13.62
C THR B 154 -26.89 26.20 -12.77
N PHE B 155 -25.97 27.12 -12.48
CA PHE B 155 -24.77 26.79 -11.73
C PHE B 155 -24.99 27.18 -10.27
N PRO B 158 -22.04 26.29 -4.27
CA PRO B 158 -20.85 25.53 -4.67
C PRO B 158 -21.19 24.23 -5.40
N ILE B 159 -20.40 23.86 -6.40
CA ILE B 159 -20.52 22.55 -7.03
C ILE B 159 -19.82 21.53 -6.13
N HIS B 160 -20.47 20.39 -5.89
CA HIS B 160 -19.96 19.38 -4.98
C HIS B 160 -19.96 18.02 -5.69
N ALA B 161 -19.39 17.03 -5.01
CA ALA B 161 -19.22 15.70 -5.59
C ALA B 161 -20.53 14.93 -5.71
N SER B 162 -21.59 15.39 -5.07
CA SER B 162 -22.92 14.79 -5.22
C SER B 162 -23.77 15.51 -6.26
N HIS B 163 -23.36 16.69 -6.69
CA HIS B 163 -24.06 17.48 -7.70
C HIS B 163 -23.77 16.92 -9.09
N PRO B 164 -24.78 16.87 -9.96
CA PRO B 164 -24.55 16.30 -11.31
C PRO B 164 -23.48 17.00 -12.11
N LEU B 165 -23.24 18.29 -11.84
CA LEU B 165 -22.20 19.02 -12.57
C LEU B 165 -20.79 18.55 -12.21
N TRP B 166 -20.64 17.68 -11.20
CA TRP B 166 -19.35 17.06 -10.95
C TRP B 166 -18.93 16.20 -12.13
N ALA B 167 -19.90 15.64 -12.86
CA ALA B 167 -19.59 14.90 -14.07
C ALA B 167 -18.93 15.80 -15.11
N LEU B 168 -19.42 17.04 -15.25
CA LEU B 168 -18.80 17.97 -16.19
C LEU B 168 -17.39 18.35 -15.73
N MET B 169 -17.24 18.65 -14.44
CA MET B 169 -15.91 18.97 -13.90
C MET B 169 -14.94 17.82 -14.13
N MET B 170 -15.41 16.59 -13.84
CA MET B 170 -14.62 15.40 -14.11
C MET B 170 -14.25 15.29 -15.58
N GLY B 171 -15.24 15.46 -16.47
CA GLY B 171 -14.96 15.35 -17.90
C GLY B 171 -13.94 16.36 -18.39
N MET B 172 -13.92 17.55 -17.79
CA MET B 172 -12.99 18.58 -18.26
C MET B 172 -11.56 18.32 -17.80
N GLU B 173 -11.37 17.91 -16.54
CA GLU B 173 -10.04 17.53 -16.08
C GLU B 173 -9.58 16.25 -16.78
N HIS B 174 -10.50 15.33 -17.05
CA HIS B 174 -10.17 14.14 -17.84
C HIS B 174 -9.63 14.52 -19.21
N GLN B 175 -10.26 15.49 -19.88
CA GLN B 175 -9.74 15.99 -21.15
C GLN B 175 -8.35 16.57 -21.00
N ARG B 176 -8.14 17.36 -19.96
CA ARG B 176 -6.83 18.00 -19.77
C ARG B 176 -5.74 16.98 -19.47
N ILE B 177 -6.07 15.93 -18.71
CA ILE B 177 -5.12 14.84 -18.50
C ILE B 177 -4.77 14.18 -19.82
N HIS B 178 -5.79 13.90 -20.65
CA HIS B 178 -5.52 13.22 -21.91
C HIS B 178 -4.82 14.12 -22.92
N PHE B 179 -4.91 15.45 -22.77
CA PHE B 179 -3.97 16.29 -23.50
C PHE B 179 -2.53 15.91 -23.15
N GLU B 180 -2.26 15.74 -21.85
CA GLU B 180 -0.92 15.36 -21.42
C GLU B 180 -0.55 13.96 -21.89
N THR B 181 -1.45 12.99 -21.70
CA THR B 181 -1.13 11.62 -22.09
C THR B 181 -1.01 11.49 -23.61
N SER B 182 -1.90 12.15 -24.37
CA SER B 182 -1.79 12.08 -25.83
C SER B 182 -0.51 12.78 -26.32
N SER B 183 -0.05 13.81 -25.60
CA SER B 183 1.21 14.43 -25.98
C SER B 183 2.36 13.44 -25.96
N MET B 184 2.34 12.52 -24.98
CA MET B 184 3.37 11.47 -24.92
C MET B 184 3.27 10.53 -26.11
N LEU B 185 2.05 10.19 -26.51
CA LEU B 185 1.88 9.35 -27.69
C LEU B 185 2.43 10.03 -28.93
N LEU B 186 2.14 11.34 -29.08
CA LEU B 186 2.61 12.08 -30.25
C LEU B 186 4.14 12.18 -30.28
N ARG B 187 4.75 12.38 -29.11
CA ARG B 187 6.20 12.42 -29.00
C ARG B 187 6.85 11.13 -29.49
N GLN B 188 6.11 10.02 -29.46
CA GLN B 188 6.63 8.73 -29.90
C GLN B 188 6.40 8.47 -31.38
N LEU B 189 5.72 9.37 -32.07
CA LEU B 189 5.60 9.30 -33.52
C LEU B 189 6.85 9.88 -34.17
N PRO B 190 7.16 9.48 -35.40
CA PRO B 190 8.23 10.16 -36.14
C PRO B 190 7.92 11.63 -36.34
N THR B 191 8.97 12.45 -36.36
CA THR B 191 8.78 13.89 -36.48
C THR B 191 8.09 14.28 -37.77
N GLU B 192 8.35 13.54 -38.85
CA GLU B 192 7.73 13.82 -40.14
C GLU B 192 6.24 13.52 -40.18
N LYS B 193 5.70 12.91 -39.12
CA LYS B 193 4.29 12.56 -39.06
C LYS B 193 3.47 13.58 -38.27
N VAL B 194 4.13 14.58 -37.68
CA VAL B 194 3.46 15.59 -36.87
C VAL B 194 3.95 16.97 -37.28
N GLU B 195 3.09 17.96 -37.13
CA GLU B 195 3.39 19.34 -37.46
C GLU B 195 3.29 20.16 -36.18
N LYS B 196 4.40 20.82 -35.81
CA LYS B 196 4.40 21.66 -34.63
C LYS B 196 3.34 22.74 -34.75
N PRO B 197 2.45 22.88 -33.78
CA PRO B 197 1.44 23.95 -33.85
C PRO B 197 2.09 25.31 -33.93
N GLN B 198 1.41 26.22 -34.63
CA GLN B 198 1.90 27.59 -34.74
C GLN B 198 2.04 28.21 -33.36
N GLY B 199 3.18 28.85 -33.11
CA GLY B 199 3.42 29.49 -31.84
C GLY B 199 3.97 28.60 -30.75
N TRP B 200 4.09 27.29 -30.99
CA TRP B 200 4.68 26.40 -30.01
C TRP B 200 6.15 26.76 -29.81
N GLN B 201 6.55 27.00 -28.56
CA GLN B 201 7.90 27.47 -28.24
C GLN B 201 8.52 26.56 -27.19
N TYR B 202 9.62 25.92 -27.55
CA TYR B 202 10.42 25.19 -26.58
C TYR B 202 11.16 26.17 -25.67
N ALA B 203 11.53 25.70 -24.50
CA ALA B 203 12.31 26.52 -23.59
C ALA B 203 13.72 26.72 -24.16
N PRO B 204 14.43 27.75 -23.71
CA PRO B 204 15.86 27.84 -24.05
C PRO B 204 16.59 26.59 -23.59
N SER B 205 17.44 26.07 -24.47
CA SER B 205 18.33 24.99 -24.09
C SER B 205 19.62 25.50 -23.47
N THR B 211 26.28 23.80 -10.56
CA THR B 211 26.48 22.83 -9.49
C THR B 211 25.17 22.57 -8.75
N ASN B 212 24.91 21.30 -8.47
CA ASN B 212 23.65 20.87 -7.84
C ASN B 212 23.92 20.54 -6.37
N LYS B 213 23.98 21.58 -5.55
CA LYS B 213 24.27 21.40 -4.14
C LYS B 213 23.11 20.73 -3.42
N MET B 214 23.44 19.96 -2.37
CA MET B 214 22.43 19.41 -1.48
C MET B 214 22.03 20.44 -0.44
N ILE B 215 20.71 20.52 -0.18
CA ILE B 215 20.13 21.48 0.75
C ILE B 215 19.49 20.73 1.89
N LEU B 216 19.67 21.23 3.11
CA LEU B 216 19.01 20.66 4.27
C LEU B 216 17.55 21.10 4.27
N VAL B 217 16.63 20.14 4.12
CA VAL B 217 15.21 20.40 4.27
C VAL B 217 14.83 20.08 5.72
N GLU B 218 14.38 21.09 6.46
CA GLU B 218 14.13 20.95 7.87
C GLU B 218 12.85 20.16 8.13
N GLY B 219 12.88 19.31 9.14
CA GLY B 219 11.77 18.43 9.39
C GLY B 219 10.55 19.16 9.89
N GLY B 220 9.42 18.46 9.83
CA GLY B 220 8.15 18.99 10.28
C GLY B 220 7.06 17.97 10.06
N THR B 221 5.86 18.31 10.52
CA THR B 221 4.69 17.45 10.36
C THR B 221 3.83 17.96 9.22
N VAL B 222 3.64 17.12 8.20
CA VAL B 222 2.89 17.50 7.01
C VAL B 222 1.49 16.93 7.10
N THR B 223 0.54 17.62 6.46
CA THR B 223 -0.84 17.17 6.33
C THR B 223 -1.06 16.75 4.89
N LEU B 224 -1.28 15.45 4.68
CA LEU B 224 -1.58 14.91 3.37
C LEU B 224 -3.09 14.77 3.19
N GLY B 225 -3.55 14.97 1.96
CA GLY B 225 -4.92 14.71 1.61
C GLY B 225 -5.72 15.98 1.36
N LYS B 226 -7.00 15.77 1.10
CA LYS B 226 -7.90 16.81 0.67
C LYS B 226 -9.22 16.67 1.40
N ALA B 227 -9.75 17.78 1.90
CA ALA B 227 -11.05 17.76 2.56
C ALA B 227 -12.16 17.61 1.53
N LYS B 228 -13.25 16.96 1.97
CA LYS B 228 -14.38 16.75 1.06
C LYS B 228 -14.99 18.07 0.59
N ASP B 229 -14.87 19.12 1.40
CA ASP B 229 -15.46 20.40 1.10
C ASP B 229 -14.47 21.39 0.49
N ASN B 230 -13.28 20.93 0.12
CA ASN B 230 -12.33 21.80 -0.56
C ASN B 230 -12.93 22.28 -1.88
N PRO B 231 -12.92 23.59 -2.16
CA PRO B 231 -13.67 24.11 -3.31
C PRO B 231 -12.94 23.98 -4.64
N LEU B 232 -12.29 22.84 -4.85
CA LEU B 232 -11.62 22.53 -6.11
C LEU B 232 -12.02 21.12 -6.52
N TYR B 233 -12.23 20.91 -7.81
CA TYR B 233 -12.46 19.55 -8.27
C TYR B 233 -11.25 18.70 -7.90
N GLY B 234 -11.50 17.44 -7.53
CA GLY B 234 -10.44 16.49 -7.29
C GLY B 234 -10.90 15.09 -7.62
N TRP B 235 -9.93 14.24 -7.96
CA TRP B 235 -10.19 12.83 -8.17
C TRP B 235 -10.29 12.13 -6.81
N ASP B 236 -10.91 10.95 -6.81
CA ASP B 236 -11.23 10.30 -5.54
C ASP B 236 -9.98 10.00 -4.71
N CYS B 237 -8.88 9.62 -5.37
CA CYS B 237 -7.67 9.26 -4.62
C CYS B 237 -7.01 10.46 -3.94
N GLU B 238 -7.44 11.68 -4.26
CA GLU B 238 -6.89 12.87 -3.62
C GLU B 238 -7.41 13.06 -2.21
N TYR B 239 -8.56 12.51 -1.88
CA TYR B 239 -9.26 12.80 -0.63
C TYR B 239 -8.83 11.86 0.49
N GLY B 240 -8.92 12.36 1.70
CA GLY B 240 -8.43 11.69 2.88
C GLY B 240 -7.61 12.63 3.75
N ASP B 241 -7.13 12.09 4.87
CA ASP B 241 -6.37 12.89 5.82
C ASP B 241 -5.30 12.01 6.46
N ARG B 242 -4.06 12.51 6.47
CA ARG B 242 -2.97 11.77 7.10
C ARG B 242 -1.91 12.75 7.59
N LEU B 243 -1.60 12.66 8.88
CA LEU B 243 -0.53 13.44 9.48
C LEU B 243 0.75 12.62 9.49
N VAL B 244 1.84 13.19 8.97
CA VAL B 244 3.11 12.50 8.86
C VAL B 244 4.19 13.36 9.49
N LYS B 245 4.89 12.81 10.49
CA LYS B 245 6.06 13.46 11.06
C LYS B 245 7.26 13.16 10.17
N VAL B 246 7.78 14.18 9.51
CA VAL B 246 8.87 14.03 8.54
C VAL B 246 10.15 14.55 9.17
N ASP B 247 11.18 13.69 9.22
CA ASP B 247 12.48 14.10 9.71
C ASP B 247 13.22 14.93 8.67
N SER B 248 14.19 15.72 9.15
CA SER B 248 15.03 16.51 8.26
C SER B 248 15.77 15.61 7.28
N PHE B 249 16.00 16.12 6.07
CA PHE B 249 16.73 15.37 5.06
C PHE B 249 17.43 16.37 4.16
N PHE B 250 18.38 15.86 3.37
CA PHE B 250 19.10 16.66 2.40
C PHE B 250 18.57 16.35 1.00
N ALA B 251 18.40 17.38 0.18
CA ALA B 251 17.87 17.22 -1.16
C ALA B 251 18.65 18.09 -2.14
N SER B 252 18.87 17.57 -3.34
CA SER B 252 19.50 18.38 -4.37
C SER B 252 18.59 19.53 -4.77
N GLN B 253 19.17 20.72 -4.89
CA GLN B 253 18.38 21.91 -5.19
C GLN B 253 17.76 21.84 -6.58
N TYR B 254 18.39 21.13 -7.50
CA TYR B 254 17.88 21.00 -8.86
C TYR B 254 17.50 19.55 -9.12
N LEU B 255 16.56 19.38 -10.05
CA LEU B 255 16.31 18.06 -10.61
C LEU B 255 17.58 17.56 -11.28
N VAL B 256 17.77 16.24 -11.27
CA VAL B 256 18.92 15.67 -11.96
C VAL B 256 18.83 16.05 -13.43
N THR B 257 19.86 16.71 -13.94
CA THR B 257 19.87 17.27 -15.28
C THR B 257 20.31 16.23 -16.30
N ASN B 258 20.04 16.52 -17.58
CA ASN B 258 20.52 15.67 -18.65
C ASN B 258 22.04 15.51 -18.60
N GLY B 259 22.74 16.60 -18.27
CA GLY B 259 24.19 16.53 -18.18
C GLY B 259 24.68 15.60 -17.09
N GLU B 260 24.02 15.63 -15.93
CA GLU B 260 24.39 14.74 -14.83
C GLU B 260 24.11 13.29 -15.18
N PHE B 261 22.96 13.02 -15.82
CA PHE B 261 22.67 11.64 -16.21
C PHE B 261 23.65 11.14 -17.27
N LEU B 262 24.13 12.04 -18.13
CA LEU B 262 25.15 11.66 -19.11
C LEU B 262 26.40 11.12 -18.45
N GLU B 263 26.79 11.70 -17.31
CA GLU B 263 27.92 11.18 -16.54
C GLU B 263 27.64 9.78 -16.01
N PHE B 264 26.42 9.54 -15.50
CA PHE B 264 26.01 8.20 -15.13
C PHE B 264 26.23 7.22 -16.27
N ILE B 265 25.76 7.59 -17.46
CA ILE B 265 25.93 6.74 -18.65
C ILE B 265 27.40 6.53 -18.95
N ASN B 266 28.20 7.59 -18.90
CA ASN B 266 29.61 7.51 -19.26
C ASN B 266 30.41 6.66 -18.27
N ARG B 267 29.97 6.61 -17.01
CA ARG B 267 30.57 5.71 -16.03
C ARG B 267 29.90 4.34 -16.03
N LYS B 268 29.27 3.96 -17.15
CA LYS B 268 28.74 2.62 -17.39
C LYS B 268 27.56 2.29 -16.47
N GLY B 269 26.71 3.28 -16.22
CA GLY B 269 25.58 3.06 -15.33
C GLY B 269 24.59 2.02 -15.84
N TYR B 270 24.35 1.99 -17.15
CA TYR B 270 23.42 1.00 -17.69
C TYR B 270 24.02 -0.40 -17.80
N GLU B 271 25.33 -0.53 -17.70
CA GLU B 271 26.00 -1.80 -17.87
C GLU B 271 26.45 -2.43 -16.56
N THR B 272 26.26 -1.75 -15.44
CA THR B 272 26.73 -2.22 -14.13
C THR B 272 25.53 -2.78 -13.36
N GLN B 273 25.47 -4.09 -13.18
CA GLN B 273 24.30 -4.72 -12.52
C GLN B 273 24.14 -4.29 -11.06
N SER B 274 25.23 -3.97 -10.37
CA SER B 274 25.10 -3.65 -8.96
C SER B 274 24.32 -2.35 -8.73
N TYR B 275 24.17 -1.50 -9.75
CA TYR B 275 23.37 -0.29 -9.61
C TYR B 275 21.87 -0.57 -9.71
N TRP B 276 21.49 -1.69 -10.30
CA TRP B 276 20.09 -2.04 -10.51
C TRP B 276 19.68 -3.10 -9.50
N ASN B 277 18.48 -3.65 -9.68
CA ASN B 277 18.01 -4.80 -8.94
C ASN B 277 17.48 -5.83 -9.93
N GLU B 278 17.13 -7.00 -9.41
CA GLU B 278 16.71 -8.11 -10.28
C GLU B 278 15.60 -7.70 -11.23
N LYS B 279 14.54 -7.08 -10.71
CA LYS B 279 13.40 -6.72 -11.55
C LYS B 279 13.76 -5.62 -12.54
N SER B 280 14.52 -4.62 -12.10
CA SER B 280 14.87 -3.53 -13.02
C SER B 280 15.90 -3.99 -14.03
N TRP B 281 16.89 -4.78 -13.61
CA TRP B 281 17.85 -5.35 -14.56
C TRP B 281 17.15 -6.19 -15.61
N GLN B 282 16.19 -7.02 -15.18
CA GLN B 282 15.43 -7.82 -16.14
C GLN B 282 14.72 -6.94 -17.16
N TRP B 283 14.10 -5.85 -16.70
CA TRP B 283 13.44 -4.94 -17.62
C TRP B 283 14.43 -4.33 -18.59
N LYS B 284 15.58 -3.88 -18.06
CA LYS B 284 16.58 -3.21 -18.90
C LYS B 284 17.14 -4.16 -19.95
N GLU B 285 17.43 -5.41 -19.55
CA GLU B 285 17.97 -6.37 -20.51
C GLU B 285 16.94 -6.79 -21.54
N GLU B 286 15.69 -7.01 -21.12
CA GLU B 286 14.66 -7.44 -22.07
C GLU B 286 14.31 -6.35 -23.07
N ASN B 287 14.47 -5.08 -22.71
CA ASN B 287 14.15 -3.98 -23.61
C ASN B 287 15.38 -3.30 -24.19
N LYS B 288 16.58 -3.85 -23.94
CA LYS B 288 17.81 -3.41 -24.59
C LYS B 288 18.07 -1.93 -24.36
N VAL B 289 17.79 -1.46 -23.15
CA VAL B 289 17.87 -0.04 -22.82
C VAL B 289 19.33 0.33 -22.60
N LYS B 290 19.81 1.33 -23.33
CA LYS B 290 21.15 1.86 -23.16
C LYS B 290 21.19 3.34 -22.83
N ASN B 291 20.02 4.00 -22.74
CA ASN B 291 19.95 5.43 -22.44
C ASN B 291 18.49 5.82 -22.24
N PRO B 292 18.21 7.07 -21.80
CA PRO B 292 16.81 7.50 -21.68
C PRO B 292 16.04 7.41 -22.99
N LYS B 293 14.71 7.34 -22.85
CA LYS B 293 13.83 6.98 -23.96
C LYS B 293 13.93 7.97 -25.12
N PHE B 294 14.05 9.26 -24.84
CA PHE B 294 13.98 10.27 -25.87
C PHE B 294 15.35 10.84 -26.20
N TRP B 295 16.39 10.04 -25.96
CA TRP B 295 17.74 10.30 -26.40
C TRP B 295 18.07 9.40 -27.59
N GLN B 296 18.96 9.87 -28.46
CA GLN B 296 19.46 9.07 -29.55
C GLN B 296 20.93 9.39 -29.73
N PHE B 297 21.78 8.36 -29.74
CA PHE B 297 23.22 8.56 -29.84
C PHE B 297 23.63 8.68 -31.30
N ASN B 298 24.47 9.68 -31.59
CA ASN B 298 24.92 9.94 -32.95
C ASN B 298 26.10 10.91 -32.95
N ASN B 299 27.19 10.53 -33.62
CA ASN B 299 28.36 11.40 -33.79
C ASN B 299 29.01 11.73 -32.44
N GLY B 300 29.10 10.71 -31.59
CA GLY B 300 29.71 10.87 -30.28
C GLY B 300 28.90 11.73 -29.33
N LYS B 301 27.68 12.09 -29.74
CA LYS B 301 26.82 12.95 -28.95
C LYS B 301 25.40 12.41 -28.99
N TYR B 302 24.55 12.97 -28.15
CA TYR B 302 23.16 12.55 -28.04
C TYR B 302 22.27 13.66 -28.58
N SER B 303 21.30 13.28 -29.40
CA SER B 303 20.21 14.19 -29.71
C SER B 303 19.04 13.90 -28.77
N TYR B 304 18.15 14.88 -28.65
CA TYR B 304 17.01 14.84 -27.75
C TYR B 304 15.74 15.01 -28.55
N ARG B 305 14.70 14.26 -28.20
CA ARG B 305 13.41 14.34 -28.88
C ARG B 305 12.46 15.19 -28.05
N ALA B 306 12.24 16.42 -28.49
CA ALA B 306 11.18 17.25 -27.95
C ALA B 306 9.86 16.81 -28.58
N MET B 307 8.79 17.58 -28.35
CA MET B 307 7.47 17.15 -28.78
C MET B 307 7.42 16.90 -30.28
N PHE B 308 7.99 17.82 -31.05
CA PHE B 308 7.84 17.81 -32.50
C PHE B 308 9.16 17.83 -33.26
N ASP B 309 10.29 18.01 -32.59
CA ASP B 309 11.58 18.09 -33.25
C ASP B 309 12.65 17.39 -32.43
N GLU B 310 13.69 16.95 -33.12
CA GLU B 310 14.91 16.45 -32.51
C GLU B 310 15.93 17.58 -32.44
N ILE B 311 16.57 17.73 -31.29
CA ILE B 311 17.46 18.86 -31.04
C ILE B 311 18.67 18.37 -30.28
N PRO B 312 19.75 19.15 -30.28
CA PRO B 312 20.90 18.82 -29.41
C PRO B 312 20.45 18.67 -27.97
N LEU B 313 20.99 17.65 -27.30
CA LEU B 313 20.64 17.36 -25.92
C LEU B 313 20.81 18.61 -25.04
N PRO B 314 19.73 19.14 -24.47
CA PRO B 314 19.86 20.29 -23.55
C PRO B 314 20.40 19.83 -22.21
N LEU B 315 21.67 20.14 -21.93
CA LEU B 315 22.37 19.57 -20.79
C LEU B 315 21.78 20.04 -19.47
N ASP B 316 21.20 21.24 -19.42
CA ASP B 316 20.68 21.79 -18.18
C ASP B 316 19.19 21.53 -17.97
N TRP B 317 18.52 20.86 -18.92
CA TRP B 317 17.14 20.43 -18.68
C TRP B 317 17.12 19.22 -17.75
N PRO B 318 16.06 19.05 -16.97
CA PRO B 318 15.94 17.84 -16.14
C PRO B 318 15.87 16.60 -17.01
N VAL B 319 16.53 15.53 -16.56
CA VAL B 319 16.49 14.29 -17.32
C VAL B 319 15.13 13.63 -17.13
N GLU B 320 14.66 12.97 -18.19
CA GLU B 320 13.34 12.33 -18.22
C GLU B 320 13.55 10.82 -18.25
N VAL B 321 13.16 10.15 -17.18
CA VAL B 321 13.45 8.73 -16.98
C VAL B 321 12.23 8.06 -16.34
N ASN B 322 12.22 6.74 -16.37
CA ASN B 322 11.24 6.00 -15.56
C ASN B 322 11.85 5.72 -14.18
N TYR B 323 11.08 5.01 -13.36
CA TYR B 323 11.47 4.81 -11.96
C TYR B 323 12.73 3.95 -11.85
N TYR B 324 12.78 2.86 -12.61
CA TYR B 324 13.96 1.99 -12.61
C TYR B 324 15.23 2.78 -12.88
N GLU B 325 15.20 3.66 -13.87
CA GLU B 325 16.39 4.42 -14.25
C GLU B 325 16.81 5.39 -13.15
N ALA B 326 15.84 6.06 -12.53
CA ALA B 326 16.15 6.96 -11.42
C ALA B 326 16.79 6.22 -10.26
N MET B 327 16.29 5.01 -9.95
CA MET B 327 16.87 4.20 -8.89
C MET B 327 18.26 3.70 -9.26
N ALA B 328 18.50 3.39 -10.52
CA ALA B 328 19.83 2.97 -10.94
C ALA B 328 20.83 4.11 -10.81
N TYR B 329 20.39 5.34 -11.12
CA TYR B 329 21.24 6.50 -10.90
C TYR B 329 21.59 6.66 -9.43
N CYS B 330 20.59 6.52 -8.55
CA CYS B 330 20.86 6.53 -7.11
C CYS B 330 21.84 5.43 -6.71
N GLY B 331 21.75 4.26 -7.37
CA GLY B 331 22.67 3.18 -7.05
C GLY B 331 24.10 3.52 -7.43
N TRP B 332 24.28 4.24 -8.53
CA TRP B 332 25.61 4.69 -8.93
C TRP B 332 26.15 5.73 -7.96
N LYS B 333 25.31 6.66 -7.50
CA LYS B 333 25.76 7.67 -6.55
C LYS B 333 26.11 7.05 -5.20
N GLY B 334 25.46 5.94 -4.85
CA GLY B 334 25.71 5.25 -3.59
C GLY B 334 25.50 6.16 -2.40
N LYS B 335 26.21 5.85 -1.32
CA LYS B 335 26.32 6.72 -0.13
C LYS B 335 24.95 7.15 0.40
N GLY B 336 23.97 6.26 0.33
CA GLY B 336 22.65 6.53 0.88
C GLY B 336 21.74 7.41 0.05
N THR B 337 22.04 7.64 -1.23
CA THR B 337 21.14 8.41 -2.08
C THR B 337 19.87 7.62 -2.38
N ARG B 338 18.73 8.31 -2.35
CA ARG B 338 17.43 7.69 -2.57
C ARG B 338 16.47 8.76 -3.08
N LEU B 339 15.21 8.39 -3.24
CA LEU B 339 14.17 9.31 -3.66
C LEU B 339 13.29 9.71 -2.46
N MET B 340 12.61 10.83 -2.62
CA MET B 340 11.72 11.35 -1.60
C MET B 340 10.48 10.47 -1.48
N SER B 341 9.92 10.41 -0.28
CA SER B 341 8.57 9.88 -0.08
C SER B 341 7.54 10.95 -0.45
N GLU B 342 6.27 10.55 -0.45
CA GLU B 342 5.21 11.54 -0.68
C GLU B 342 5.26 12.64 0.37
N ALA B 343 5.36 12.26 1.64
CA ALA B 343 5.39 13.25 2.72
C ALA B 343 6.59 14.16 2.59
N GLU B 344 7.75 13.62 2.20
CA GLU B 344 8.94 14.44 2.07
C GLU B 344 8.80 15.48 0.95
N TRP B 345 8.24 15.09 -0.20
CA TRP B 345 8.03 16.05 -1.28
C TRP B 345 7.07 17.15 -0.83
N ASN B 346 5.98 16.78 -0.17
CA ASN B 346 5.03 17.76 0.33
C ASN B 346 5.69 18.73 1.29
N LEU B 347 6.50 18.22 2.22
CA LEU B 347 7.21 19.09 3.15
C LEU B 347 8.07 20.09 2.40
N ALA B 348 8.87 19.61 1.44
CA ALA B 348 9.79 20.49 0.74
C ALA B 348 9.05 21.54 -0.09
N ALA B 349 7.91 21.18 -0.67
CA ALA B 349 7.23 22.08 -1.60
C ALA B 349 6.24 23.02 -0.90
N TYR B 350 5.54 22.53 0.12
CA TYR B 350 4.47 23.30 0.74
C TYR B 350 4.66 23.58 2.23
N GLY B 351 5.62 22.93 2.89
CA GLY B 351 5.88 23.22 4.28
C GLY B 351 4.97 22.44 5.23
N SER B 352 4.96 22.88 6.48
CA SER B 352 4.27 22.19 7.56
C SER B 352 3.09 22.98 8.11
N ASN B 353 2.36 23.66 7.23
CA ASN B 353 1.12 24.32 7.62
C ASN B 353 0.02 23.29 7.81
N ASP B 354 -0.89 23.57 8.75
CA ASP B 354 -2.04 22.71 8.95
C ASP B 354 -3.24 23.10 8.09
N ASN B 355 -3.19 24.24 7.41
CA ASN B 355 -4.30 24.73 6.62
C ASN B 355 -3.79 25.61 5.48
N TYR B 356 -2.96 25.01 4.61
CA TYR B 356 -2.48 25.72 3.44
C TYR B 356 -3.62 26.01 2.48
N GLN B 357 -3.67 27.23 1.96
CA GLN B 357 -4.70 27.65 1.03
C GLN B 357 -4.10 27.79 -0.37
N VAL B 358 -4.67 27.05 -1.33
CA VAL B 358 -4.22 27.11 -2.71
C VAL B 358 -4.43 28.51 -3.27
N ASP B 359 -3.42 29.03 -3.95
CA ASP B 359 -3.53 30.27 -4.72
C ASP B 359 -3.28 29.88 -6.17
N ILE B 360 -4.36 29.81 -6.95
CA ILE B 360 -4.29 29.27 -8.32
C ILE B 360 -3.32 30.07 -9.17
N GLU B 361 -3.27 31.39 -8.98
CA GLU B 361 -2.38 32.21 -9.80
C GLU B 361 -0.90 31.87 -9.61
N LYS B 362 -0.55 31.19 -8.51
CA LYS B 362 0.84 30.79 -8.31
C LYS B 362 1.30 29.75 -9.34
N VAL B 363 0.36 29.16 -10.08
CA VAL B 363 0.73 28.25 -11.17
C VAL B 363 1.60 28.98 -12.19
N ASN B 364 1.34 30.28 -12.40
CA ASN B 364 2.15 31.07 -13.32
C ASN B 364 3.60 31.21 -12.89
N ASP B 365 3.94 30.82 -11.65
CA ASP B 365 5.31 30.97 -11.15
C ASP B 365 6.22 29.79 -11.49
N TYR B 366 5.69 28.76 -12.12
CA TYR B 366 6.43 27.54 -12.37
C TYR B 366 6.26 27.14 -13.84
N ASN B 367 7.12 26.24 -14.31
CA ASN B 367 6.98 25.71 -15.66
C ASN B 367 5.79 24.74 -15.67
N LEU B 368 4.60 25.33 -15.68
CA LEU B 368 3.35 24.60 -15.69
C LEU B 368 2.44 25.24 -16.73
N ASN B 369 1.36 24.54 -17.08
CA ASN B 369 0.26 25.15 -17.82
C ASN B 369 0.73 25.74 -19.15
N LEU B 370 1.65 25.04 -19.81
CA LEU B 370 2.14 25.41 -21.14
C LEU B 370 2.85 26.76 -21.13
N LYS B 371 3.44 27.13 -20.00
CA LYS B 371 4.35 28.28 -19.97
C LYS B 371 5.44 28.11 -21.02
N PHE B 372 5.98 26.90 -21.11
CA PHE B 372 6.88 26.48 -22.19
C PHE B 372 6.28 25.26 -22.85
N GLY B 373 6.77 24.95 -24.05
CA GLY B 373 6.31 23.77 -24.75
C GLY B 373 7.26 22.61 -24.55
N SER B 374 7.98 22.63 -23.44
CA SER B 374 9.06 21.69 -23.18
C SER B 374 9.52 21.83 -21.73
N PRO B 375 10.36 20.92 -21.22
CA PRO B 375 11.05 21.20 -19.97
C PRO B 375 11.96 22.41 -20.13
N SER B 376 12.35 22.99 -19.00
CA SER B 376 13.20 24.17 -19.00
C SER B 376 14.47 23.89 -18.19
N PRO B 377 15.54 24.67 -18.43
CA PRO B 377 16.75 24.50 -17.61
C PRO B 377 16.42 24.67 -16.14
N VAL B 378 17.02 23.81 -15.30
CA VAL B 378 16.77 23.89 -13.87
C VAL B 378 17.17 25.29 -13.39
N GLY B 379 16.27 25.93 -12.65
CA GLY B 379 16.51 27.27 -12.15
C GLY B 379 16.26 28.40 -13.13
N LEU B 380 15.89 28.11 -14.38
CA LEU B 380 15.67 29.17 -15.36
C LEU B 380 14.49 30.05 -14.96
N VAL B 381 13.36 29.43 -14.64
CA VAL B 381 12.20 30.18 -14.14
C VAL B 381 12.51 30.67 -12.74
N LYS B 382 12.85 31.96 -12.61
CA LYS B 382 13.36 32.49 -11.35
C LYS B 382 12.31 32.55 -10.25
N THR B 383 11.04 32.35 -10.57
CA THR B 383 9.98 32.36 -9.56
C THR B 383 9.67 30.97 -9.02
N ALA B 384 10.45 29.96 -9.41
CA ALA B 384 10.09 28.56 -9.16
C ALA B 384 10.94 27.93 -8.05
N GLN B 385 11.47 28.74 -7.14
CA GLN B 385 12.17 28.23 -5.97
C GLN B 385 11.18 28.14 -4.81
N SER B 386 11.03 26.94 -4.26
CA SER B 386 10.12 26.75 -3.14
C SER B 386 10.74 27.33 -1.85
N HIS B 387 9.93 27.38 -0.81
CA HIS B 387 10.38 27.88 0.48
C HIS B 387 11.63 27.15 0.98
N SER B 388 11.71 25.85 0.69
CA SER B 388 12.82 25.02 1.16
C SER B 388 14.13 25.33 0.46
N GLY B 389 14.12 26.20 -0.55
CA GLY B 389 15.30 26.46 -1.35
C GLY B 389 15.46 25.56 -2.56
N LEU B 390 14.56 24.59 -2.75
CA LEU B 390 14.64 23.68 -3.88
C LEU B 390 13.92 24.27 -5.09
N TRP B 391 14.47 24.01 -6.27
CA TRP B 391 13.94 24.56 -7.52
C TRP B 391 13.12 23.52 -8.27
N ASP B 392 12.03 23.98 -8.89
CA ASP B 392 11.18 23.17 -9.76
C ASP B 392 10.64 21.93 -9.06
N LEU B 393 10.34 22.02 -7.77
CA LEU B 393 9.54 20.98 -7.13
C LEU B 393 8.17 20.92 -7.76
N ARG B 394 7.62 22.08 -8.12
CA ARG B 394 6.42 22.17 -8.94
C ARG B 394 6.87 22.53 -10.36
N GLY B 395 6.26 21.89 -11.35
CA GLY B 395 6.51 22.23 -12.73
C GLY B 395 7.75 21.58 -13.31
N ASN B 396 8.01 21.94 -14.57
CA ASN B 396 9.11 21.45 -15.40
C ASN B 396 9.00 20.00 -15.84
N VAL B 397 9.00 19.07 -14.89
CA VAL B 397 8.72 17.66 -15.17
C VAL B 397 8.14 17.09 -13.87
N TRP B 398 7.28 16.09 -14.00
CA TRP B 398 6.83 15.33 -12.84
C TRP B 398 8.05 14.76 -12.11
N GLU B 399 7.92 14.56 -10.81
CA GLU B 399 9.00 14.05 -9.97
C GLU B 399 8.64 12.68 -9.40
N TRP B 400 9.39 11.65 -9.81
CA TRP B 400 9.19 10.32 -9.24
C TRP B 400 9.42 10.35 -7.73
N LEU B 401 8.67 9.52 -7.02
CA LEU B 401 8.80 9.37 -5.58
C LEU B 401 8.92 7.88 -5.24
N ASP B 402 9.68 7.58 -4.19
CA ASP B 402 9.74 6.22 -3.66
C ASP B 402 8.55 6.04 -2.72
N GLU B 403 7.39 5.80 -3.33
CA GLU B 403 6.13 5.68 -2.61
C GLU B 403 5.17 4.85 -3.46
N ASN B 404 4.77 3.69 -2.96
CA ASN B 404 3.78 2.89 -3.65
C ASN B 404 2.43 3.59 -3.59
N PHE B 405 1.79 3.74 -4.76
CA PHE B 405 0.48 4.40 -4.82
C PHE B 405 -0.49 3.71 -3.88
N HIS B 406 -1.11 4.50 -3.00
CA HIS B 406 -1.87 3.95 -1.90
C HIS B 406 -2.96 4.94 -1.51
N PRO B 407 -4.06 4.46 -0.92
CA PRO B 407 -5.12 5.38 -0.48
C PRO B 407 -4.75 6.10 0.81
N LEU B 408 -5.27 7.26 0.93
CA LEU B 408 -5.18 7.99 2.18
C LEU B 408 -6.40 7.67 3.03
N PRO B 409 -6.27 7.65 4.37
CA PRO B 409 -7.41 7.29 5.21
C PRO B 409 -8.59 8.21 4.97
N GLY B 410 -9.76 7.61 4.73
CA GLY B 410 -10.93 8.35 4.33
C GLY B 410 -11.24 8.26 2.84
N PHE B 411 -10.35 7.65 2.07
CA PHE B 411 -10.57 7.48 0.63
C PHE B 411 -11.87 6.74 0.38
N GLU B 412 -12.56 7.10 -0.71
CA GLU B 412 -13.76 6.42 -1.12
C GLU B 412 -13.89 6.51 -2.64
N PRO B 413 -14.16 5.41 -3.33
CA PRO B 413 -14.38 5.49 -4.78
C PRO B 413 -15.62 6.31 -5.12
N HIS B 414 -15.56 7.02 -6.23
CA HIS B 414 -16.69 7.82 -6.71
C HIS B 414 -17.57 6.98 -7.63
N PHE B 415 -18.89 7.17 -7.51
CA PHE B 415 -19.84 6.35 -8.26
C PHE B 415 -19.73 6.58 -9.76
N LEU B 416 -19.27 7.76 -10.18
CA LEU B 416 -19.16 8.04 -11.61
C LEU B 416 -17.99 7.31 -12.26
N TYR B 417 -17.02 6.83 -11.48
CA TYR B 417 -15.80 6.25 -12.01
C TYR B 417 -15.17 5.45 -10.88
N GLU B 418 -15.75 4.28 -10.59
CA GLU B 418 -15.35 3.51 -9.40
C GLU B 418 -13.95 2.94 -9.58
N ASP B 419 -13.56 2.64 -10.82
CA ASP B 419 -12.27 2.01 -11.08
C ASP B 419 -11.15 3.02 -11.33
N ASN B 420 -11.31 4.28 -10.89
CA ASN B 420 -10.31 5.30 -11.20
C ASN B 420 -8.97 4.99 -10.53
N SER B 421 -8.98 4.63 -9.24
CA SER B 421 -7.70 4.45 -8.54
C SER B 421 -7.62 3.15 -7.76
N ALA B 422 -8.73 2.69 -7.19
CA ALA B 422 -8.72 1.51 -6.32
C ALA B 422 -8.05 0.27 -6.93
N PRO B 423 -8.18 -0.05 -8.22
CA PRO B 423 -7.44 -1.21 -8.75
C PRO B 423 -5.94 -1.05 -8.72
N PHE B 424 -5.42 0.16 -8.48
CA PHE B 424 -4.00 0.43 -8.62
C PHE B 424 -3.30 0.59 -7.27
N PHE B 425 -3.99 0.26 -6.18
CA PHE B 425 -3.37 0.13 -4.85
C PHE B 425 -2.82 -1.29 -4.70
N ASP B 426 -1.82 -1.62 -5.52
CA ASP B 426 -1.36 -2.99 -5.64
C ASP B 426 0.14 -3.16 -5.41
N ASN B 427 0.83 -2.13 -4.90
CA ASN B 427 2.28 -2.13 -4.71
C ASN B 427 3.04 -2.29 -6.03
N ASN B 428 2.38 -2.07 -7.16
CA ASN B 428 3.01 -2.14 -8.47
C ASN B 428 3.07 -0.78 -9.17
N HIS B 429 2.67 0.29 -8.48
CA HIS B 429 2.68 1.62 -9.06
C HIS B 429 3.41 2.56 -8.12
N LYS B 430 4.29 3.39 -8.66
CA LYS B 430 5.01 4.39 -7.89
C LYS B 430 4.41 5.76 -8.15
N MET B 431 4.55 6.65 -7.17
CA MET B 431 3.94 7.96 -7.29
C MET B 431 4.89 8.99 -7.90
N MET B 432 4.29 10.09 -8.37
CA MET B 432 5.01 11.23 -8.93
C MET B 432 4.14 12.46 -8.72
N LEU B 433 4.78 13.61 -8.44
CA LEU B 433 4.04 14.78 -8.01
C LEU B 433 4.64 16.04 -8.64
N GLY B 434 3.85 17.11 -8.62
CA GLY B 434 4.34 18.45 -8.90
C GLY B 434 3.95 19.03 -10.25
N GLY B 435 3.59 18.19 -11.22
CA GLY B 435 3.21 18.65 -12.54
C GLY B 435 4.40 18.90 -13.45
N ALA B 436 4.13 18.86 -14.75
CA ALA B 436 5.11 19.11 -15.79
C ALA B 436 4.71 20.37 -16.58
N TRP B 437 5.55 20.72 -17.56
CA TRP B 437 5.29 21.87 -18.42
C TRP B 437 3.94 21.77 -19.13
N VAL B 438 3.51 20.54 -19.45
CA VAL B 438 2.29 20.31 -20.20
C VAL B 438 1.06 20.21 -19.29
N THR B 439 1.26 20.11 -17.97
CA THR B 439 0.16 19.85 -17.06
C THR B 439 -0.74 21.07 -16.93
N GLN B 440 -2.06 20.84 -17.02
CA GLN B 440 -3.07 21.88 -16.94
C GLN B 440 -4.16 21.47 -15.93
N GLY B 441 -5.04 22.42 -15.62
CA GLY B 441 -6.17 22.13 -14.77
C GLY B 441 -5.83 22.00 -13.30
N THR B 442 -6.73 21.34 -12.57
CA THR B 442 -6.49 21.10 -11.15
C THR B 442 -5.28 20.21 -10.91
N GLU B 443 -4.83 19.50 -11.95
CA GLU B 443 -3.63 18.69 -11.87
C GLU B 443 -2.35 19.51 -11.67
N THR B 444 -2.41 20.83 -11.85
CA THR B 444 -1.27 21.68 -11.53
C THR B 444 -1.20 22.04 -10.05
N LEU B 445 -2.22 21.65 -9.27
CA LEU B 445 -2.39 22.15 -7.91
C LEU B 445 -2.01 21.09 -6.88
N LYS B 446 -2.19 21.47 -5.62
CA LYS B 446 -1.56 20.79 -4.47
C LYS B 446 -2.02 19.34 -4.32
N TYR B 447 -3.29 19.05 -4.56
CA TYR B 447 -3.90 17.81 -4.11
C TYR B 447 -3.81 16.67 -5.11
N TYR B 448 -3.53 16.95 -6.38
CA TYR B 448 -3.49 15.89 -7.37
C TYR B 448 -2.40 14.89 -7.04
N ARG B 449 -2.76 13.61 -7.01
CA ARG B 449 -1.84 12.54 -6.67
C ARG B 449 -1.70 11.66 -7.89
N ASN B 450 -0.48 11.58 -8.43
CA ASN B 450 -0.24 10.92 -9.69
C ASN B 450 0.55 9.63 -9.46
N TRP B 451 0.45 8.72 -10.43
CA TRP B 451 1.08 7.41 -10.27
C TRP B 451 1.25 6.76 -11.64
N PHE B 452 2.24 5.87 -11.73
CA PHE B 452 2.45 5.09 -12.95
C PHE B 452 3.26 3.85 -12.58
N ARG B 453 3.16 2.85 -13.45
CA ARG B 453 4.03 1.69 -13.33
C ARG B 453 5.49 2.13 -13.43
N PRO B 454 6.38 1.53 -12.66
CA PRO B 454 7.77 2.04 -12.60
C PRO B 454 8.53 1.95 -13.91
N ASN B 455 8.07 1.15 -14.87
CA ASN B 455 8.81 1.01 -16.12
C ASN B 455 8.30 1.92 -17.22
N PHE B 456 7.27 2.72 -16.97
CA PHE B 456 6.66 3.54 -18.00
C PHE B 456 7.26 4.93 -18.03
N TYR B 457 7.21 5.57 -19.20
CA TYR B 457 7.74 6.90 -19.41
C TYR B 457 6.64 7.95 -19.45
N GLN B 458 6.87 9.07 -18.75
CA GLN B 458 6.00 10.23 -18.73
C GLN B 458 6.90 11.46 -18.87
N HIS B 459 6.30 12.65 -18.80
CA HIS B 459 7.11 13.88 -18.72
C HIS B 459 7.61 14.02 -17.27
N ALA B 460 8.57 13.15 -16.92
CA ALA B 460 8.88 12.92 -15.53
C ALA B 460 10.38 12.70 -15.33
N GLY B 461 10.90 13.27 -14.25
CA GLY B 461 12.29 13.09 -13.85
C GLY B 461 12.42 12.83 -12.36
N PHE B 462 13.50 13.29 -11.75
CA PHE B 462 13.70 13.03 -10.32
C PHE B 462 14.81 13.92 -9.79
N ARG B 463 14.89 13.96 -8.45
CA ARG B 463 15.97 14.59 -7.71
C ARG B 463 16.41 13.63 -6.61
N ILE B 464 17.63 13.78 -6.13
CA ILE B 464 18.20 12.82 -5.19
C ILE B 464 18.21 13.42 -3.79
N VAL B 465 18.04 12.55 -2.78
CA VAL B 465 18.02 12.96 -1.38
C VAL B 465 18.80 11.95 -0.56
N THR B 466 19.17 12.36 0.66
CA THR B 466 19.79 11.49 1.66
C THR B 466 19.07 11.64 3.00
N ASN B 467 19.24 10.62 3.85
CA ASN B 467 18.55 10.59 5.15
C ASN B 467 19.01 11.73 6.05
N HIS B 468 20.32 11.99 6.07
CA HIS B 468 20.90 13.11 6.80
C HIS B 468 22.11 13.59 6.01
#